data_7KFK
#
_entry.id   7KFK
#
_cell.length_a   111.044
_cell.length_b   111.044
_cell.length_c   152.124
_cell.angle_alpha   90.000
_cell.angle_beta   90.000
_cell.angle_gamma   90.000
#
_symmetry.space_group_name_H-M   'P 42 21 2'
#
loop_
_entity.id
_entity.type
_entity.pdbx_description
1 polymer 'Isoform 2 of Leukocyte immunoglobulin-like receptor subfamily B member 1'
2 polymer Rifin
3 non-polymer 2-acetamido-2-deoxy-beta-D-glucopyranose
4 non-polymer 'SULFATE ION'
5 water water
#
loop_
_entity_poly.entity_id
_entity_poly.type
_entity_poly.pdbx_seq_one_letter_code
_entity_poly.pdbx_strand_id
1 'polypeptide(L)'
;VSKKPSLSVQPGPIVAPEETLTLQCGSDAGYNRFVLYKDGERDFLQLAGAQPQAGLSQANFTLGPVSRSYGGQYRCYGAH
NLSSEWSAPSDPLDILIAGQFYDRVSLSVQPGPTVASGENVTLLCQSQGWMQTFLLTKEGAADDPWRLRSTYQSQKYQAE
FPMGPVTSAHAGTYRCYGSQSSKPYLLTHPSDPLELVVSGGGGLEVLFQGPGGSAWSHPQFEKGGHHHHHHHH
;
A,B
2 'polypeptide(L)'
;KELAEKAGALAGEAARIPAAIDAVIEGIKSKFSIDTLGGEALKSVIDGTNYYDASYITTAIYNKFQVSSCLPSVPFLGGP
PVPGAGANKPICSAVDKLYLGSGNFLDKSSLPGSIQKDVAKIVAGAEQAAKAKAAMVASDKTLAVETAKKQ
;
E,C
#
# COMPACT_ATOMS: atom_id res chain seq x y z
N VAL A 1 -27.63 -12.79 15.48
CA VAL A 1 -27.29 -11.55 14.80
C VAL A 1 -28.22 -11.32 13.61
N SER A 2 -28.63 -10.06 13.45
CA SER A 2 -29.63 -9.67 12.46
C SER A 2 -29.13 -9.89 11.03
N LYS A 3 -30.06 -9.97 10.07
CA LYS A 3 -29.66 -10.19 8.67
C LYS A 3 -28.87 -8.98 8.18
N LYS A 4 -27.84 -9.27 7.40
CA LYS A 4 -26.94 -8.25 6.89
C LYS A 4 -27.69 -7.20 6.07
N PRO A 5 -27.20 -5.97 6.05
CA PRO A 5 -27.76 -4.95 5.15
C PRO A 5 -27.19 -5.11 3.75
N SER A 6 -27.57 -4.19 2.88
CA SER A 6 -27.08 -4.16 1.50
C SER A 6 -26.25 -2.90 1.31
N LEU A 7 -25.07 -3.06 0.71
CA LEU A 7 -24.15 -1.97 0.47
C LEU A 7 -23.96 -1.80 -1.03
N SER A 8 -24.34 -0.64 -1.54
CA SER A 8 -24.25 -0.30 -2.95
C SER A 8 -23.44 0.98 -3.11
N VAL A 9 -22.90 1.19 -4.30
CA VAL A 9 -22.06 2.36 -4.57
C VAL A 9 -22.59 3.08 -5.80
N GLN A 10 -22.70 4.41 -5.71
CA GLN A 10 -23.06 5.23 -6.85
C GLN A 10 -22.14 6.44 -6.94
N PRO A 11 -21.69 6.81 -8.15
CA PRO A 11 -22.04 6.22 -9.46
C PRO A 11 -21.49 4.81 -9.73
N GLY A 12 -20.27 4.50 -9.27
CA GLY A 12 -19.67 3.21 -9.53
C GLY A 12 -18.49 2.92 -8.65
N PRO A 13 -18.02 1.66 -8.65
CA PRO A 13 -16.96 1.26 -7.70
C PRO A 13 -15.61 1.89 -7.98
N ILE A 14 -15.32 2.30 -9.21
CA ILE A 14 -14.04 2.91 -9.57
C ILE A 14 -14.21 4.41 -9.56
N VAL A 15 -13.39 5.10 -8.76
CA VAL A 15 -13.51 6.54 -8.57
C VAL A 15 -12.15 7.20 -8.75
N ALA A 16 -12.17 8.42 -9.28
CA ALA A 16 -11.01 9.27 -9.52
C ALA A 16 -10.78 10.21 -8.33
N PRO A 17 -9.53 10.60 -8.10
CA PRO A 17 -9.22 11.48 -6.96
C PRO A 17 -10.00 12.79 -7.03
N GLU A 18 -10.33 13.32 -5.83
CA GLU A 18 -11.04 14.63 -5.71
C GLU A 18 -12.53 14.46 -6.01
N GLU A 19 -13.03 13.24 -6.00
CA GLU A 19 -14.46 12.97 -6.28
C GLU A 19 -15.11 12.37 -5.04
N THR A 20 -16.44 12.48 -4.92
CA THR A 20 -17.15 12.00 -3.72
C THR A 20 -18.03 10.81 -4.11
N LEU A 21 -17.99 9.74 -3.32
CA LEU A 21 -18.77 8.54 -3.68
C LEU A 21 -19.89 8.28 -2.67
N THR A 22 -21.11 8.09 -3.17
CA THR A 22 -22.27 7.87 -2.31
C THR A 22 -22.43 6.36 -2.12
N LEU A 23 -22.17 5.90 -0.90
CA LEU A 23 -22.35 4.50 -0.54
C LEU A 23 -23.69 4.38 0.18
N GLN A 24 -24.60 3.58 -0.38
CA GLN A 24 -25.93 3.43 0.17
C GLN A 24 -26.00 2.11 0.93
N CYS A 25 -26.37 2.17 2.20
CA CYS A 25 -26.44 1.00 3.07
C CYS A 25 -27.87 0.92 3.58
N GLY A 26 -28.59 -0.14 3.19
CA GLY A 26 -30.01 -0.20 3.43
C GLY A 26 -30.45 -1.56 3.93
N SER A 27 -31.63 -1.58 4.55
CA SER A 27 -32.17 -2.82 5.09
C SER A 27 -33.67 -2.69 5.31
N ASP A 28 -34.28 -3.85 5.57
CA ASP A 28 -35.71 -3.98 5.86
C ASP A 28 -35.95 -4.51 7.27
N ALA A 29 -34.95 -4.46 8.14
CA ALA A 29 -35.05 -5.05 9.47
C ALA A 29 -35.25 -4.00 10.56
N GLY A 30 -35.75 -2.82 10.20
CA GLY A 30 -35.98 -1.76 11.17
C GLY A 30 -34.73 -1.31 11.90
N TYR A 31 -33.74 -0.83 11.15
CA TYR A 31 -32.52 -0.29 11.71
C TYR A 31 -32.60 1.23 11.71
N ASN A 32 -32.36 1.85 12.86
CA ASN A 32 -32.23 3.29 12.89
C ASN A 32 -30.79 3.76 12.75
N ARG A 33 -29.81 2.85 12.71
CA ARG A 33 -28.44 3.32 12.50
C ARG A 33 -27.66 2.34 11.65
N PHE A 34 -26.68 2.88 10.92
CA PHE A 34 -25.77 2.11 10.09
C PHE A 34 -24.34 2.61 10.31
N VAL A 35 -23.39 1.69 10.32
CA VAL A 35 -21.99 2.00 10.57
C VAL A 35 -21.15 1.42 9.43
N LEU A 36 -20.14 2.18 9.01
CA LEU A 36 -19.28 1.80 7.88
C LEU A 36 -17.86 1.53 8.37
N TYR A 37 -17.28 0.40 7.93
CA TYR A 37 -15.92 0.03 8.26
C TYR A 37 -15.17 -0.34 6.99
N LYS A 38 -13.85 -0.15 7.02
CA LYS A 38 -12.98 -0.50 5.90
C LYS A 38 -11.83 -1.39 6.34
N ASP A 39 -11.53 -2.40 5.51
CA ASP A 39 -10.37 -3.27 5.62
C ASP A 39 -9.96 -3.62 7.07
N GLY A 40 -10.95 -3.97 7.88
CA GLY A 40 -10.62 -4.44 9.22
C GLY A 40 -10.19 -3.36 10.21
N GLU A 41 -10.25 -2.08 9.81
CA GLU A 41 -9.82 -1.00 10.67
C GLU A 41 -10.75 -0.87 11.87
N ARG A 42 -10.16 -0.72 13.06
CA ARG A 42 -10.94 -0.76 14.30
C ARG A 42 -11.76 0.50 14.51
N ASP A 43 -11.47 1.59 13.81
CA ASP A 43 -12.26 2.81 13.94
C ASP A 43 -13.22 2.90 12.76
N PHE A 44 -14.51 3.07 13.07
CA PHE A 44 -15.51 3.18 12.01
C PHE A 44 -15.30 4.46 11.21
N LEU A 45 -15.53 4.36 9.90
CA LEU A 45 -15.40 5.53 9.04
C LEU A 45 -16.54 6.51 9.27
N GLN A 46 -17.77 6.01 9.37
CA GLN A 46 -18.92 6.88 9.49
C GLN A 46 -20.06 6.15 10.18
N LEU A 47 -20.79 6.87 11.02
CA LEU A 47 -22.00 6.40 11.67
C LEU A 47 -23.14 7.27 11.20
N ALA A 48 -24.24 6.65 10.77
CA ALA A 48 -25.36 7.37 10.16
C ALA A 48 -26.67 6.94 10.79
N GLY A 49 -27.62 7.86 10.82
CA GLY A 49 -28.95 7.61 11.35
C GLY A 49 -29.95 7.59 10.21
N ALA A 50 -30.93 6.70 10.31
CA ALA A 50 -31.95 6.54 9.29
C ALA A 50 -33.25 6.13 9.95
N GLN A 51 -34.26 6.96 9.87
CA GLN A 51 -35.57 6.61 10.45
C GLN A 51 -36.20 5.48 9.65
N PRO A 52 -36.48 4.32 10.27
CA PRO A 52 -37.12 3.23 9.53
C PRO A 52 -38.61 3.51 9.32
N GLN A 53 -39.06 3.32 8.09
CA GLN A 53 -40.49 3.40 7.76
C GLN A 53 -40.94 2.01 7.36
N ALA A 54 -41.77 1.39 8.20
CA ALA A 54 -42.19 0.00 8.02
C ALA A 54 -40.99 -0.95 7.98
N GLY A 55 -39.92 -0.58 8.68
CA GLY A 55 -38.72 -1.38 8.73
C GLY A 55 -37.67 -1.08 7.68
N LEU A 56 -38.02 -0.30 6.64
CA LEU A 56 -37.12 -0.02 5.55
C LEU A 56 -36.36 1.27 5.83
N SER A 57 -35.03 1.19 5.87
CA SER A 57 -34.20 2.37 6.12
C SER A 57 -32.92 2.28 5.30
N GLN A 58 -32.48 3.44 4.81
CA GLN A 58 -31.25 3.54 4.03
C GLN A 58 -30.44 4.73 4.50
N ALA A 59 -29.14 4.53 4.63
CA ALA A 59 -28.19 5.60 4.95
C ALA A 59 -27.31 5.83 3.75
N ASN A 60 -27.22 7.09 3.32
CA ASN A 60 -26.41 7.46 2.15
C ASN A 60 -25.11 8.09 2.64
N PHE A 61 -24.17 7.21 2.98
CA PHE A 61 -22.85 7.68 3.47
C PHE A 61 -22.14 8.40 2.34
N THR A 62 -21.57 9.56 2.66
CA THR A 62 -20.83 10.33 1.65
C THR A 62 -19.34 10.28 1.97
N LEU A 63 -18.56 9.59 1.13
CA LEU A 63 -17.09 9.58 1.31
C LEU A 63 -16.61 10.96 0.86
N GLY A 64 -15.58 11.51 1.51
CA GLY A 64 -15.13 12.88 1.19
C GLY A 64 -14.26 12.85 -0.04
N PRO A 65 -13.56 13.93 -0.43
CA PRO A 65 -12.80 13.88 -1.67
C PRO A 65 -11.92 12.63 -1.55
N VAL A 66 -11.95 11.75 -2.55
CA VAL A 66 -11.23 10.45 -2.45
C VAL A 66 -9.74 10.59 -2.73
N SER A 67 -8.94 9.82 -2.02
CA SER A 67 -7.48 9.79 -2.25
C SER A 67 -7.02 8.33 -2.32
N ARG A 68 -5.71 8.07 -2.39
CA ARG A 68 -5.17 6.72 -2.41
C ARG A 68 -5.61 5.89 -1.20
N SER A 69 -6.04 6.55 -0.13
CA SER A 69 -6.41 5.89 1.14
C SER A 69 -7.78 5.22 1.05
N TYR A 70 -8.66 5.73 0.19
CA TYR A 70 -10.06 5.23 0.08
C TYR A 70 -10.15 3.86 -0.58
N GLY A 71 -9.08 3.40 -1.22
CA GLY A 71 -9.13 2.11 -1.94
C GLY A 71 -9.15 0.92 -1.00
N GLY A 72 -10.13 0.02 -1.17
CA GLY A 72 -10.15 -1.17 -0.34
C GLY A 72 -11.54 -1.77 -0.29
N GLN A 73 -11.76 -2.60 0.72
CA GLN A 73 -13.04 -3.25 0.92
C GLN A 73 -13.81 -2.57 2.04
N TYR A 74 -15.12 -2.42 1.82
CA TYR A 74 -16.01 -1.71 2.74
C TYR A 74 -17.14 -2.64 3.15
N ARG A 75 -17.48 -2.60 4.44
CA ARG A 75 -18.61 -3.34 4.98
C ARG A 75 -19.42 -2.42 5.88
N CYS A 76 -20.74 -2.50 5.79
CA CYS A 76 -21.62 -1.73 6.67
C CYS A 76 -22.47 -2.67 7.51
N TYR A 77 -22.82 -2.18 8.70
CA TYR A 77 -23.61 -2.92 9.67
C TYR A 77 -24.79 -2.06 10.08
N GLY A 78 -25.84 -2.71 10.58
CA GLY A 78 -27.05 -2.01 10.96
C GLY A 78 -27.45 -2.36 12.38
N ALA A 79 -28.09 -1.40 13.04
CA ALA A 79 -28.53 -1.59 14.42
C ALA A 79 -29.87 -0.93 14.67
N HIS A 80 -30.63 -1.57 15.58
CA HIS A 80 -31.98 -1.14 15.93
C HIS A 80 -31.98 0.12 16.79
N ASN A 81 -30.99 0.26 17.68
CA ASN A 81 -30.87 1.47 18.48
C ASN A 81 -29.41 1.67 18.89
N LEU A 82 -29.18 2.71 19.68
CA LEU A 82 -27.82 3.05 20.13
C LEU A 82 -27.18 1.95 20.96
N SER A 83 -27.97 1.19 21.72
CA SER A 83 -27.41 0.16 22.61
C SER A 83 -27.52 -1.24 22.04
N SER A 84 -28.25 -1.44 20.94
CA SER A 84 -28.46 -2.77 20.40
C SER A 84 -27.20 -3.29 19.71
N GLU A 85 -27.10 -4.62 19.63
CA GLU A 85 -25.99 -5.24 18.93
C GLU A 85 -26.12 -5.04 17.42
N TRP A 86 -24.98 -5.05 16.75
CA TRP A 86 -24.95 -4.77 15.33
C TRP A 86 -25.26 -6.03 14.51
N SER A 87 -25.69 -5.80 13.28
CA SER A 87 -26.10 -6.89 12.40
C SER A 87 -24.88 -7.62 11.85
N ALA A 88 -25.14 -8.61 11.00
CA ALA A 88 -24.07 -9.28 10.30
C ALA A 88 -23.46 -8.32 9.28
N PRO A 89 -22.18 -8.48 8.95
CA PRO A 89 -21.56 -7.59 7.97
C PRO A 89 -22.28 -7.71 6.63
N SER A 90 -22.44 -6.57 5.96
CA SER A 90 -22.90 -6.61 4.58
C SER A 90 -21.86 -7.28 3.71
N ASP A 91 -22.28 -7.67 2.51
CA ASP A 91 -21.34 -8.24 1.58
C ASP A 91 -20.30 -7.20 1.20
N PRO A 92 -19.02 -7.59 1.08
CA PRO A 92 -17.96 -6.58 0.90
C PRO A 92 -18.08 -5.85 -0.42
N LEU A 93 -17.83 -4.55 -0.39
CA LEU A 93 -17.83 -3.70 -1.57
C LEU A 93 -16.41 -3.22 -1.84
N ASP A 94 -15.92 -3.43 -3.06
CA ASP A 94 -14.56 -3.05 -3.42
C ASP A 94 -14.58 -1.68 -4.08
N ILE A 95 -13.85 -0.73 -3.50
CA ILE A 95 -13.73 0.62 -4.01
C ILE A 95 -12.32 0.81 -4.53
N LEU A 96 -12.20 1.22 -5.79
CA LEU A 96 -10.93 1.33 -6.48
C LEU A 96 -10.68 2.77 -6.88
N ILE A 97 -9.46 3.23 -6.64
CA ILE A 97 -9.05 4.60 -6.92
C ILE A 97 -8.20 4.60 -8.18
N ALA A 98 -8.55 5.47 -9.12
CA ALA A 98 -7.84 5.58 -10.39
C ALA A 98 -6.80 6.70 -10.32
N GLY A 99 -6.00 6.79 -11.38
CA GLY A 99 -5.00 7.84 -11.51
C GLY A 99 -3.87 7.78 -10.51
N GLN A 100 -3.47 6.57 -10.10
CA GLN A 100 -2.46 6.41 -9.08
C GLN A 100 -1.09 6.03 -9.62
N PHE A 101 -0.98 5.75 -10.91
CA PHE A 101 0.28 5.41 -11.54
C PHE A 101 0.39 6.19 -12.83
N TYR A 102 1.64 6.42 -13.26
CA TYR A 102 1.89 7.14 -14.51
C TYR A 102 1.74 6.25 -15.74
N ASP A 103 1.96 4.94 -15.59
CA ASP A 103 1.80 4.03 -16.72
C ASP A 103 0.40 4.13 -17.29
N ARG A 104 0.31 4.15 -18.61
CA ARG A 104 -0.96 4.28 -19.30
C ARG A 104 -1.37 2.94 -19.90
N VAL A 105 -2.67 2.76 -20.04
CA VAL A 105 -3.24 1.56 -20.67
C VAL A 105 -4.03 1.99 -21.90
N SER A 106 -4.21 1.03 -22.80
CA SER A 106 -4.88 1.27 -24.06
C SER A 106 -5.92 0.17 -24.30
N LEU A 107 -7.09 0.59 -24.75
CA LEU A 107 -8.19 -0.32 -25.06
C LEU A 107 -8.46 -0.27 -26.55
N SER A 108 -8.54 -1.46 -27.15
CA SER A 108 -8.75 -1.59 -28.61
C SER A 108 -9.66 -2.78 -28.89
N VAL A 109 -10.03 -2.98 -30.15
CA VAL A 109 -10.82 -4.18 -30.52
C VAL A 109 -9.82 -5.13 -31.21
N GLN A 110 -9.60 -6.32 -30.64
CA GLN A 110 -8.62 -7.29 -31.17
C GLN A 110 -9.05 -7.80 -32.55
N PRO A 111 -10.33 -8.07 -32.84
CA PRO A 111 -10.70 -8.44 -34.20
C PRO A 111 -10.29 -7.31 -35.17
N GLY A 112 -10.56 -6.06 -34.81
CA GLY A 112 -10.17 -4.91 -35.65
C GLY A 112 -11.11 -3.75 -35.42
N PRO A 113 -10.96 -2.61 -36.12
CA PRO A 113 -11.78 -1.43 -35.86
C PRO A 113 -13.27 -1.70 -36.10
N THR A 114 -13.59 -2.53 -37.09
CA THR A 114 -15.00 -2.90 -37.37
C THR A 114 -15.16 -4.39 -37.07
N VAL A 115 -16.28 -4.78 -36.47
CA VAL A 115 -16.53 -6.23 -36.26
C VAL A 115 -17.80 -6.63 -37.03
N ALA A 116 -17.73 -7.68 -37.83
CA ALA A 116 -18.87 -8.10 -38.68
C ALA A 116 -19.93 -8.85 -37.87
N SER A 117 -21.13 -9.01 -38.43
CA SER A 117 -22.25 -9.61 -37.67
C SER A 117 -21.94 -11.02 -37.16
N GLY A 118 -21.29 -11.88 -37.96
CA GLY A 118 -21.07 -13.25 -37.49
C GLY A 118 -19.85 -13.35 -36.62
N GLU A 119 -19.05 -12.27 -36.58
CA GLU A 119 -17.76 -12.31 -35.85
C GLU A 119 -17.94 -12.06 -34.35
N ASN A 120 -16.93 -12.39 -33.55
CA ASN A 120 -16.98 -12.11 -32.10
C ASN A 120 -16.24 -10.82 -31.78
N VAL A 121 -16.72 -10.09 -30.77
CA VAL A 121 -16.02 -8.85 -30.32
C VAL A 121 -15.06 -9.23 -29.19
N THR A 122 -13.78 -8.89 -29.32
CA THR A 122 -12.78 -9.16 -28.26
C THR A 122 -12.09 -7.84 -27.95
N LEU A 123 -12.20 -7.38 -26.70
CA LEU A 123 -11.60 -6.08 -26.31
C LEU A 123 -10.23 -6.32 -25.69
N LEU A 124 -9.19 -5.70 -26.24
CA LEU A 124 -7.83 -5.88 -25.77
C LEU A 124 -7.41 -4.67 -24.95
N CYS A 125 -7.05 -4.89 -23.68
CA CYS A 125 -6.46 -3.86 -22.84
C CYS A 125 -4.99 -4.18 -22.64
N GLN A 126 -4.12 -3.19 -22.89
CA GLN A 126 -2.69 -3.44 -22.86
C GLN A 126 -1.93 -2.25 -22.30
N SER A 127 -0.69 -2.52 -21.85
CA SER A 127 0.19 -1.48 -21.36
C SER A 127 1.63 -1.89 -21.62
N GLN A 128 2.47 -0.88 -21.83
CA GLN A 128 3.90 -1.11 -21.98
C GLN A 128 4.56 -1.46 -20.64
N GLY A 129 4.03 -0.91 -19.55
CA GLY A 129 4.56 -1.20 -18.24
C GLY A 129 3.94 -2.42 -17.58
N TRP A 130 4.65 -2.96 -16.59
CA TRP A 130 4.22 -4.17 -15.91
C TRP A 130 2.93 -3.91 -15.12
N MET A 131 1.90 -4.68 -15.43
CA MET A 131 0.63 -4.66 -14.71
C MET A 131 0.29 -6.07 -14.27
N GLN A 132 -0.27 -6.21 -13.08
CA GLN A 132 -0.70 -7.54 -12.65
C GLN A 132 -2.08 -7.86 -13.19
N THR A 133 -2.99 -6.89 -13.21
CA THR A 133 -4.34 -7.14 -13.72
C THR A 133 -4.81 -5.96 -14.55
N PHE A 134 -5.83 -6.23 -15.36
CA PHE A 134 -6.52 -5.23 -16.16
C PHE A 134 -8.00 -5.32 -15.84
N LEU A 135 -8.66 -4.17 -15.78
CA LEU A 135 -10.07 -4.08 -15.43
C LEU A 135 -10.82 -3.42 -16.57
N LEU A 136 -11.97 -3.98 -16.93
CA LEU A 136 -12.81 -3.45 -18.00
C LEU A 136 -14.14 -2.98 -17.40
N THR A 137 -14.55 -1.77 -17.78
CA THR A 137 -15.79 -1.16 -17.32
C THR A 137 -16.56 -0.59 -18.50
N LYS A 138 -17.87 -0.56 -18.35
CA LYS A 138 -18.77 -0.01 -19.35
C LYS A 138 -19.58 1.14 -18.72
N GLU A 139 -19.73 2.22 -19.46
CA GLU A 139 -20.42 3.40 -18.96
C GLU A 139 -21.90 3.11 -18.73
N GLY A 140 -22.46 3.72 -17.69
CA GLY A 140 -23.87 3.53 -17.37
C GLY A 140 -24.13 2.23 -16.65
N ALA A 141 -23.56 1.13 -17.14
CA ALA A 141 -23.69 -0.17 -16.49
C ALA A 141 -22.59 -0.25 -15.42
N ALA A 142 -22.81 0.54 -14.37
CA ALA A 142 -21.79 0.76 -13.33
C ALA A 142 -21.97 -0.29 -12.25
N ASP A 143 -21.46 -1.48 -12.55
CA ASP A 143 -21.43 -2.60 -11.62
C ASP A 143 -19.96 -2.95 -11.36
N ASP A 144 -19.74 -4.08 -10.69
CA ASP A 144 -18.40 -4.56 -10.45
C ASP A 144 -17.68 -4.83 -11.77
N PRO A 145 -16.52 -4.23 -12.00
CA PRO A 145 -15.85 -4.36 -13.31
C PRO A 145 -15.36 -5.78 -13.56
N TRP A 146 -14.88 -5.99 -14.77
CA TRP A 146 -14.40 -7.30 -15.22
C TRP A 146 -12.88 -7.30 -15.13
N ARG A 147 -12.34 -8.05 -14.16
CA ARG A 147 -10.91 -8.08 -13.90
C ARG A 147 -10.30 -9.35 -14.46
N LEU A 148 -9.24 -9.20 -15.25
CA LEU A 148 -8.51 -10.32 -15.83
C LEU A 148 -7.02 -10.16 -15.54
N ARG A 149 -6.37 -11.27 -15.23
CA ARG A 149 -4.94 -11.25 -14.98
C ARG A 149 -4.17 -11.01 -16.27
N SER A 150 -3.11 -10.22 -16.17
CA SER A 150 -2.33 -9.82 -17.33
C SER A 150 -1.41 -10.94 -17.78
N THR A 151 -1.00 -10.87 -19.05
CA THR A 151 -0.05 -11.80 -19.64
C THR A 151 1.02 -11.02 -20.37
N TYR A 152 2.25 -11.53 -20.34
CA TYR A 152 3.36 -10.93 -21.08
C TYR A 152 3.36 -11.52 -22.49
N GLN A 153 3.02 -10.68 -23.47
CA GLN A 153 2.93 -11.08 -24.85
C GLN A 153 3.43 -9.93 -25.71
N SER A 154 4.27 -10.27 -26.70
CA SER A 154 4.80 -9.29 -27.65
C SER A 154 5.46 -8.12 -26.92
N GLN A 155 6.22 -8.45 -25.87
CA GLN A 155 6.94 -7.46 -25.07
C GLN A 155 6.01 -6.40 -24.48
N LYS A 156 4.79 -6.80 -24.16
CA LYS A 156 3.77 -5.94 -23.58
C LYS A 156 3.01 -6.73 -22.53
N TYR A 157 2.27 -6.04 -21.66
CA TYR A 157 1.39 -6.70 -20.72
C TYR A 157 -0.04 -6.46 -21.15
N GLN A 158 -0.82 -7.53 -21.30
CA GLN A 158 -2.11 -7.38 -21.95
C GLN A 158 -3.11 -8.40 -21.43
N ALA A 159 -4.40 -8.09 -21.64
CA ALA A 159 -5.50 -8.98 -21.32
C ALA A 159 -6.56 -8.84 -22.40
N GLU A 160 -7.06 -9.98 -22.86
CA GLU A 160 -8.14 -10.05 -23.83
C GLU A 160 -9.44 -10.36 -23.12
N PHE A 161 -10.46 -9.55 -23.39
CA PHE A 161 -11.79 -9.71 -22.83
C PHE A 161 -12.73 -10.19 -23.95
N PRO A 162 -13.06 -11.48 -24.00
CA PRO A 162 -13.91 -12.02 -25.07
C PRO A 162 -15.38 -11.73 -24.78
N MET A 163 -15.96 -10.84 -25.56
CA MET A 163 -17.37 -10.46 -25.39
C MET A 163 -18.34 -11.37 -26.13
N GLY A 164 -17.84 -12.31 -26.95
CA GLY A 164 -18.73 -13.18 -27.67
C GLY A 164 -19.19 -12.62 -29.00
N PRO A 165 -20.16 -13.27 -29.71
CA PRO A 165 -20.65 -12.81 -31.02
C PRO A 165 -21.33 -11.44 -31.05
N VAL A 166 -21.19 -10.68 -32.13
CA VAL A 166 -21.73 -9.29 -32.08
C VAL A 166 -23.20 -9.30 -31.66
N THR A 167 -23.54 -8.47 -30.68
CA THR A 167 -24.95 -8.31 -30.25
C THR A 167 -25.19 -6.81 -30.11
N SER A 168 -26.45 -6.41 -29.97
CA SER A 168 -26.77 -5.00 -29.79
C SER A 168 -26.45 -4.50 -28.38
N ALA A 169 -26.36 -5.40 -27.40
CA ALA A 169 -26.03 -4.99 -26.04
C ALA A 169 -24.55 -4.60 -25.89
N HIS A 170 -23.70 -5.01 -26.83
CA HIS A 170 -22.29 -4.65 -26.79
C HIS A 170 -22.04 -3.17 -27.03
N ALA A 171 -23.03 -2.43 -27.50
CA ALA A 171 -22.85 -1.00 -27.76
C ALA A 171 -22.73 -0.23 -26.45
N GLY A 172 -21.88 0.78 -26.45
CA GLY A 172 -21.66 1.59 -25.28
C GLY A 172 -20.24 2.11 -25.25
N THR A 173 -19.94 2.85 -24.19
CA THR A 173 -18.60 3.39 -23.99
C THR A 173 -17.86 2.56 -22.97
N TYR A 174 -16.63 2.16 -23.30
CA TYR A 174 -15.84 1.26 -22.48
C TYR A 174 -14.54 1.92 -22.08
N ARG A 175 -14.08 1.61 -20.86
CA ARG A 175 -12.79 2.07 -20.36
C ARG A 175 -12.08 0.92 -19.66
N CYS A 176 -10.77 0.83 -19.84
CA CYS A 176 -9.99 -0.18 -19.12
C CYS A 176 -8.91 0.49 -18.27
N TYR A 177 -8.54 -0.21 -17.20
CA TYR A 177 -7.60 0.26 -16.19
C TYR A 177 -6.58 -0.84 -15.93
N GLY A 178 -5.48 -0.45 -15.28
CA GLY A 178 -4.46 -1.40 -14.87
C GLY A 178 -4.24 -1.34 -13.37
N SER A 179 -3.89 -2.49 -12.79
CA SER A 179 -3.59 -2.61 -11.38
C SER A 179 -2.30 -3.42 -11.20
N GLN A 180 -1.49 -3.00 -10.22
CA GLN A 180 -0.24 -3.66 -9.90
C GLN A 180 -0.45 -4.58 -8.70
N SER A 181 0.56 -5.42 -8.43
CA SER A 181 0.36 -6.56 -7.55
C SER A 181 0.12 -6.17 -6.10
N SER A 182 0.96 -5.29 -5.55
CA SER A 182 0.92 -5.01 -4.12
C SER A 182 -0.33 -4.24 -3.73
N LYS A 183 -0.85 -3.39 -4.61
CA LYS A 183 -1.94 -2.47 -4.28
C LYS A 183 -3.06 -2.65 -5.30
N PRO A 184 -3.87 -3.70 -5.14
CA PRO A 184 -4.87 -4.02 -6.18
C PRO A 184 -6.02 -3.03 -6.26
N TYR A 185 -6.21 -2.19 -5.24
CA TYR A 185 -7.30 -1.22 -5.27
C TYR A 185 -6.87 0.12 -5.84
N LEU A 186 -5.60 0.27 -6.18
CA LEU A 186 -5.09 1.46 -6.83
C LEU A 186 -4.95 1.18 -8.32
N LEU A 187 -5.63 1.98 -9.14
CA LEU A 187 -5.67 1.77 -10.58
C LEU A 187 -4.95 2.90 -11.31
N THR A 188 -4.67 2.65 -12.58
CA THR A 188 -4.05 3.63 -13.43
C THR A 188 -5.08 4.69 -13.84
N HIS A 189 -4.63 5.65 -14.64
CA HIS A 189 -5.56 6.52 -15.31
C HIS A 189 -6.41 5.69 -16.27
N PRO A 190 -7.67 6.07 -16.47
CA PRO A 190 -8.50 5.36 -17.45
C PRO A 190 -7.91 5.47 -18.85
N SER A 191 -8.09 4.40 -19.62
CA SER A 191 -7.73 4.44 -21.02
C SER A 191 -8.65 5.41 -21.77
N ASP A 192 -8.24 5.79 -22.96
CA ASP A 192 -9.11 6.61 -23.78
C ASP A 192 -10.42 5.87 -24.06
N PRO A 193 -11.56 6.54 -23.98
CA PRO A 193 -12.83 5.83 -24.09
C PRO A 193 -12.99 5.17 -25.46
N LEU A 194 -13.61 4.00 -25.46
CA LEU A 194 -13.89 3.28 -26.72
C LEU A 194 -15.41 3.18 -26.86
N GLU A 195 -16.00 3.99 -27.74
CA GLU A 195 -17.47 3.93 -27.96
C GLU A 195 -17.72 2.90 -29.05
N LEU A 196 -18.61 1.95 -28.77
CA LEU A 196 -18.96 0.94 -29.79
C LEU A 196 -20.40 1.21 -30.23
N VAL A 197 -20.62 1.29 -31.55
CA VAL A 197 -21.98 1.60 -32.08
C VAL A 197 -22.43 0.43 -32.95
N VAL A 198 -23.69 0.02 -32.81
CA VAL A 198 -24.22 -1.10 -33.65
C VAL A 198 -24.60 -0.54 -35.02
N SER A 199 -23.95 -1.04 -36.07
CA SER A 199 -24.22 -0.57 -37.45
C SER A 199 -24.44 -1.77 -38.36
N GLY A 200 -25.61 -1.88 -38.97
CA GLY A 200 -25.88 -2.97 -39.93
C GLY A 200 -25.70 -4.33 -39.28
N GLY A 201 -26.08 -4.46 -38.01
CA GLY A 201 -25.85 -5.74 -37.33
C GLY A 201 -24.46 -5.79 -36.74
N GLY A 202 -23.49 -5.20 -37.44
CA GLY A 202 -22.09 -5.20 -37.00
C GLY A 202 -21.79 -4.16 -35.94
N GLY A 203 -20.59 -4.19 -35.38
CA GLY A 203 -20.17 -3.17 -34.40
C GLY A 203 -19.06 -2.32 -34.98
N LEU A 204 -19.06 -1.03 -34.66
CA LEU A 204 -18.04 -0.09 -35.21
C LEU A 204 -17.53 0.80 -34.06
N GLU A 205 -16.26 1.24 -34.12
CA GLU A 205 -15.75 2.19 -33.09
C GLU A 205 -16.07 3.61 -33.58
N VAL A 206 -16.66 4.44 -32.72
CA VAL A 206 -17.09 5.82 -33.13
C VAL A 206 -16.28 6.82 -32.33
N LEU A 207 -15.70 7.81 -33.00
CA LEU A 207 -14.83 8.79 -32.31
C LEU A 207 -15.52 10.15 -32.31
N VAL B 1 13.70 -10.13 -27.49
CA VAL B 1 14.34 -10.03 -26.18
C VAL B 1 14.95 -11.37 -25.77
N SER B 2 16.09 -11.32 -25.10
CA SER B 2 16.83 -12.50 -24.71
C SER B 2 15.99 -13.38 -23.76
N LYS B 3 16.46 -14.60 -23.56
CA LYS B 3 15.73 -15.56 -22.75
C LYS B 3 15.54 -15.06 -21.32
N LYS B 4 14.34 -15.28 -20.78
CA LYS B 4 14.04 -14.87 -19.42
C LYS B 4 14.93 -15.61 -18.43
N PRO B 5 15.27 -14.97 -17.31
CA PRO B 5 15.99 -15.66 -16.24
C PRO B 5 15.02 -16.42 -15.34
N SER B 6 15.57 -17.05 -14.32
CA SER B 6 14.81 -17.78 -13.31
C SER B 6 15.02 -17.12 -11.96
N LEU B 7 13.93 -16.88 -11.22
CA LEU B 7 13.95 -16.22 -9.93
C LEU B 7 13.43 -17.19 -8.87
N SER B 8 14.26 -17.47 -7.87
CA SER B 8 13.94 -18.35 -6.76
C SER B 8 14.16 -17.61 -5.45
N VAL B 9 13.50 -18.06 -4.39
CA VAL B 9 13.64 -17.44 -3.07
C VAL B 9 14.02 -18.50 -2.05
N GLN B 10 14.99 -18.19 -1.20
CA GLN B 10 15.36 -19.05 -0.09
C GLN B 10 15.47 -18.20 1.16
N PRO B 11 14.97 -18.70 2.30
CA PRO B 11 14.40 -20.03 2.54
C PRO B 11 13.01 -20.27 1.91
N GLY B 12 12.14 -19.26 1.91
CA GLY B 12 10.81 -19.41 1.38
C GLY B 12 10.12 -18.09 1.14
N PRO B 13 8.98 -18.13 0.45
CA PRO B 13 8.31 -16.87 0.05
C PRO B 13 7.70 -16.10 1.21
N ILE B 14 7.33 -16.75 2.30
CA ILE B 14 6.73 -16.08 3.45
C ILE B 14 7.83 -15.83 4.48
N VAL B 15 8.02 -14.57 4.85
CA VAL B 15 9.12 -14.18 5.74
C VAL B 15 8.60 -13.29 6.85
N ALA B 16 9.22 -13.42 7.99
CA ALA B 16 8.93 -12.61 9.15
C ALA B 16 9.83 -11.38 9.16
N PRO B 17 9.37 -10.28 9.76
CA PRO B 17 10.18 -9.06 9.74
C PRO B 17 11.54 -9.28 10.39
N GLU B 18 12.54 -8.55 9.87
CA GLU B 18 13.94 -8.51 10.29
C GLU B 18 14.74 -9.71 9.78
N GLU B 19 14.14 -10.60 9.00
CA GLU B 19 14.89 -11.70 8.42
C GLU B 19 15.44 -11.28 7.06
N THR B 20 16.37 -12.08 6.53
CA THR B 20 17.09 -11.78 5.31
C THR B 20 16.78 -12.81 4.23
N LEU B 21 16.59 -12.34 3.00
CA LEU B 21 16.17 -13.22 1.91
C LEU B 21 17.27 -13.37 0.86
N THR B 22 17.46 -14.60 0.37
CA THR B 22 18.35 -14.83 -0.76
C THR B 22 17.50 -15.10 -1.99
N LEU B 23 17.49 -14.16 -2.92
CA LEU B 23 16.79 -14.31 -4.19
C LEU B 23 17.82 -14.67 -5.25
N GLN B 24 17.63 -15.84 -5.87
CA GLN B 24 18.58 -16.36 -6.85
C GLN B 24 18.01 -16.14 -8.25
N CYS B 25 18.77 -15.44 -9.10
CA CYS B 25 18.36 -15.12 -10.46
C CYS B 25 19.42 -15.69 -11.40
N GLY B 26 19.03 -16.68 -12.21
CA GLY B 26 20.00 -17.43 -12.98
C GLY B 26 19.54 -17.69 -14.40
N SER B 27 20.51 -17.97 -15.26
CA SER B 27 20.21 -18.26 -16.66
C SER B 27 21.39 -18.98 -17.31
N ASP B 28 21.13 -19.49 -18.52
CA ASP B 28 22.14 -20.17 -19.35
C ASP B 28 22.43 -19.40 -20.64
N ALA B 29 22.08 -18.12 -20.69
CA ALA B 29 22.19 -17.32 -21.91
C ALA B 29 23.40 -16.39 -21.89
N GLY B 30 24.42 -16.70 -21.08
CA GLY B 30 25.62 -15.90 -21.01
C GLY B 30 25.37 -14.46 -20.61
N TYR B 31 24.80 -14.26 -19.41
CA TYR B 31 24.56 -12.93 -18.87
C TYR B 31 25.66 -12.61 -17.87
N ASN B 32 26.29 -11.45 -18.04
CA ASN B 32 27.23 -11.01 -17.01
C ASN B 32 26.57 -10.11 -15.97
N ARG B 33 25.30 -9.75 -16.16
CA ARG B 33 24.65 -8.93 -15.15
C ARG B 33 23.17 -9.29 -15.04
N PHE B 34 22.63 -9.07 -13.83
CA PHE B 34 21.22 -9.26 -13.52
C PHE B 34 20.71 -8.07 -12.73
N VAL B 35 19.48 -7.65 -13.00
CA VAL B 35 18.87 -6.52 -12.34
C VAL B 35 17.54 -6.95 -11.73
N LEU B 36 17.25 -6.47 -10.52
CA LEU B 36 16.06 -6.87 -9.78
C LEU B 36 15.11 -5.68 -9.64
N TYR B 37 13.81 -5.92 -9.91
CA TYR B 37 12.78 -4.91 -9.81
C TYR B 37 11.62 -5.44 -8.98
N LYS B 38 10.88 -4.49 -8.40
CA LYS B 38 9.71 -4.77 -7.59
C LYS B 38 8.54 -4.02 -8.21
N ASP B 39 7.35 -4.63 -8.16
CA ASP B 39 6.16 -3.99 -8.70
C ASP B 39 5.97 -2.61 -8.10
N GLY B 40 5.65 -1.65 -8.97
CA GLY B 40 5.38 -0.29 -8.59
C GLY B 40 6.59 0.56 -8.27
N GLU B 41 7.81 0.04 -8.42
CA GLU B 41 9.02 0.82 -8.17
C GLU B 41 9.77 1.00 -9.49
N ARG B 42 9.98 2.26 -9.88
CA ARG B 42 10.62 2.56 -11.16
C ARG B 42 12.14 2.47 -11.11
N ASP B 43 12.72 2.49 -9.91
CA ASP B 43 14.15 2.41 -9.72
C ASP B 43 14.52 0.98 -9.36
N PHE B 44 15.51 0.43 -10.06
CA PHE B 44 15.92 -0.95 -9.81
C PHE B 44 16.40 -1.09 -8.37
N LEU B 45 16.05 -2.22 -7.76
CA LEU B 45 16.46 -2.46 -6.37
C LEU B 45 17.94 -2.77 -6.28
N GLN B 46 18.44 -3.62 -7.18
CA GLN B 46 19.83 -4.02 -7.12
C GLN B 46 20.29 -4.51 -8.48
N LEU B 47 21.54 -4.20 -8.80
CA LEU B 47 22.22 -4.67 -10.00
C LEU B 47 23.40 -5.52 -9.57
N ALA B 48 23.56 -6.67 -10.19
CA ALA B 48 24.57 -7.65 -9.79
C ALA B 48 25.33 -8.12 -11.01
N GLY B 49 26.60 -8.44 -10.80
CA GLY B 49 27.46 -8.95 -11.85
C GLY B 49 27.80 -10.41 -11.59
N ALA B 50 27.82 -11.21 -12.65
CA ALA B 50 28.16 -12.63 -12.54
C ALA B 50 28.82 -13.05 -13.84
N GLN B 51 30.10 -13.44 -13.76
CA GLN B 51 30.79 -13.92 -14.95
C GLN B 51 30.20 -15.26 -15.36
N PRO B 52 29.65 -15.39 -16.56
CA PRO B 52 29.05 -16.67 -16.97
C PRO B 52 30.13 -17.70 -17.29
N GLN B 53 29.93 -18.91 -16.78
CA GLN B 53 30.80 -20.05 -17.07
C GLN B 53 29.98 -21.04 -17.90
N ALA B 54 30.38 -21.23 -19.16
CA ALA B 54 29.64 -22.04 -20.12
C ALA B 54 28.24 -21.48 -20.32
N GLY B 55 28.14 -20.15 -20.32
CA GLY B 55 26.93 -19.36 -20.46
C GLY B 55 26.02 -19.43 -19.23
N LEU B 56 26.41 -20.16 -18.19
CA LEU B 56 25.60 -20.31 -16.98
C LEU B 56 26.02 -19.26 -15.96
N SER B 57 25.07 -18.45 -15.51
CA SER B 57 25.35 -17.40 -14.55
C SER B 57 24.21 -17.26 -13.55
N GLN B 58 24.57 -17.00 -12.29
CA GLN B 58 23.60 -16.81 -11.21
C GLN B 58 24.01 -15.62 -10.35
N ALA B 59 23.02 -14.79 -9.99
CA ALA B 59 23.18 -13.68 -9.06
C ALA B 59 22.36 -13.96 -7.81
N ASN B 60 23.01 -13.85 -6.65
CA ASN B 60 22.36 -14.08 -5.37
C ASN B 60 22.07 -12.73 -4.70
N PHE B 61 20.97 -12.12 -5.10
CA PHE B 61 20.53 -10.90 -4.44
C PHE B 61 20.22 -11.17 -2.98
N THR B 62 20.71 -10.31 -2.10
CA THR B 62 20.45 -10.42 -0.67
C THR B 62 19.53 -9.29 -0.26
N LEU B 63 18.27 -9.64 0.04
CA LEU B 63 17.32 -8.68 0.54
C LEU B 63 17.55 -8.50 2.04
N GLY B 64 17.85 -7.26 2.43
CA GLY B 64 18.21 -6.93 3.78
C GLY B 64 17.06 -7.14 4.76
N PRO B 65 17.21 -6.64 5.99
CA PRO B 65 16.16 -6.83 6.99
C PRO B 65 14.79 -6.42 6.46
N VAL B 66 13.90 -7.40 6.33
CA VAL B 66 12.63 -7.17 5.64
C VAL B 66 11.70 -6.38 6.54
N SER B 67 10.81 -5.63 5.91
CA SER B 67 9.77 -4.87 6.59
C SER B 67 8.52 -4.92 5.72
N ARG B 68 7.49 -4.17 6.10
CA ARG B 68 6.25 -4.20 5.34
C ARG B 68 6.44 -3.70 3.91
N SER B 69 7.50 -2.92 3.65
CA SER B 69 7.73 -2.39 2.31
C SER B 69 8.25 -3.44 1.34
N TYR B 70 8.75 -4.57 1.85
CA TYR B 70 9.32 -5.61 0.99
C TYR B 70 8.26 -6.53 0.40
N GLY B 71 7.00 -6.43 0.83
CA GLY B 71 5.97 -7.34 0.37
C GLY B 71 5.45 -6.98 -1.00
N GLY B 72 5.55 -7.90 -1.95
CA GLY B 72 5.06 -7.65 -3.28
C GLY B 72 5.64 -8.66 -4.27
N GLN B 73 5.58 -8.30 -5.55
CA GLN B 73 6.08 -9.16 -6.61
C GLN B 73 7.41 -8.64 -7.14
N TYR B 74 8.31 -9.57 -7.45
CA TYR B 74 9.67 -9.28 -7.88
C TYR B 74 9.94 -9.93 -9.23
N ARG B 75 10.62 -9.20 -10.11
CA ARG B 75 11.05 -9.72 -11.41
C ARG B 75 12.51 -9.36 -11.63
N CYS B 76 13.29 -10.30 -12.18
CA CYS B 76 14.68 -10.02 -12.50
C CYS B 76 14.92 -10.18 -14.00
N TYR B 77 15.90 -9.42 -14.50
CA TYR B 77 16.27 -9.37 -15.91
C TYR B 77 17.76 -9.61 -16.03
N GLY B 78 18.19 -10.07 -17.20
CA GLY B 78 19.59 -10.38 -17.43
C GLY B 78 20.12 -9.71 -18.69
N ALA B 79 21.41 -9.37 -18.66
CA ALA B 79 22.06 -8.75 -19.80
C ALA B 79 23.49 -9.24 -19.96
N HIS B 80 23.93 -9.27 -21.23
CA HIS B 80 25.28 -9.74 -21.57
C HIS B 80 26.34 -8.72 -21.22
N ASN B 81 26.05 -7.43 -21.36
CA ASN B 81 27.00 -6.37 -21.01
C ASN B 81 26.25 -5.19 -20.44
N LEU B 82 27.02 -4.18 -20.07
CA LEU B 82 26.47 -2.92 -19.56
C LEU B 82 25.62 -2.24 -20.62
N SER B 83 25.96 -2.42 -21.90
CA SER B 83 25.30 -1.75 -23.01
C SER B 83 24.25 -2.61 -23.70
N SER B 84 24.20 -3.91 -23.42
CA SER B 84 23.24 -4.77 -24.10
C SER B 84 21.83 -4.54 -23.55
N GLU B 85 20.84 -4.83 -24.39
CA GLU B 85 19.46 -4.71 -23.95
C GLU B 85 19.13 -5.79 -22.93
N TRP B 86 18.14 -5.51 -22.09
CA TRP B 86 17.82 -6.44 -21.03
C TRP B 86 16.92 -7.56 -21.55
N SER B 87 16.96 -8.68 -20.83
CA SER B 87 16.24 -9.88 -21.25
C SER B 87 14.75 -9.73 -20.99
N ALA B 88 14.00 -10.78 -21.32
CA ALA B 88 12.60 -10.83 -20.99
C ALA B 88 12.43 -10.92 -19.47
N PRO B 89 11.34 -10.40 -18.92
CA PRO B 89 11.14 -10.47 -17.48
C PRO B 89 11.08 -11.90 -16.99
N SER B 90 11.68 -12.15 -15.84
CA SER B 90 11.49 -13.43 -15.18
C SER B 90 10.05 -13.57 -14.73
N ASP B 91 9.66 -14.79 -14.43
CA ASP B 91 8.34 -15.01 -13.88
C ASP B 91 8.25 -14.35 -12.51
N PRO B 92 7.11 -13.73 -12.18
CA PRO B 92 7.03 -12.96 -10.94
C PRO B 92 7.16 -13.86 -9.72
N LEU B 93 7.89 -13.37 -8.73
CA LEU B 93 8.09 -14.05 -7.45
C LEU B 93 7.39 -13.25 -6.37
N ASP B 94 6.53 -13.91 -5.60
CA ASP B 94 5.73 -13.24 -4.57
C ASP B 94 6.43 -13.37 -3.22
N ILE B 95 6.73 -12.22 -2.61
CA ILE B 95 7.34 -12.15 -1.29
C ILE B 95 6.29 -11.61 -0.34
N LEU B 96 6.00 -12.37 0.72
CA LEU B 96 4.94 -12.06 1.65
C LEU B 96 5.53 -11.85 3.04
N ILE B 97 5.10 -10.80 3.72
CA ILE B 97 5.61 -10.42 5.03
C ILE B 97 4.58 -10.80 6.08
N ALA B 98 5.01 -11.53 7.11
CA ALA B 98 4.13 -11.97 8.17
C ALA B 98 4.21 -11.03 9.38
N GLY B 99 3.36 -11.29 10.36
CA GLY B 99 3.37 -10.53 11.59
C GLY B 99 2.96 -9.08 11.45
N GLN B 100 2.03 -8.78 10.56
CA GLN B 100 1.64 -7.40 10.25
C GLN B 100 0.35 -6.96 10.91
N PHE B 101 -0.35 -7.86 11.59
CA PHE B 101 -1.63 -7.53 12.22
C PHE B 101 -1.71 -8.14 13.61
N TYR B 102 -2.58 -7.56 14.44
CA TYR B 102 -2.81 -8.13 15.77
C TYR B 102 -3.76 -9.33 15.71
N ASP B 103 -4.71 -9.31 14.78
CA ASP B 103 -5.63 -10.43 14.62
C ASP B 103 -4.88 -11.70 14.24
N ARG B 104 -5.27 -12.80 14.87
CA ARG B 104 -4.63 -14.09 14.68
C ARG B 104 -5.52 -15.01 13.84
N VAL B 105 -4.88 -15.99 13.22
CA VAL B 105 -5.60 -17.02 12.47
C VAL B 105 -5.32 -18.37 13.11
N SER B 106 -6.23 -19.30 12.88
CA SER B 106 -6.15 -20.63 13.47
C SER B 106 -6.44 -21.68 12.41
N LEU B 107 -5.64 -22.75 12.43
CA LEU B 107 -5.76 -23.85 11.49
C LEU B 107 -6.18 -25.12 12.24
N SER B 108 -7.17 -25.82 11.70
CA SER B 108 -7.67 -27.04 12.31
C SER B 108 -8.06 -28.04 11.24
N VAL B 109 -8.28 -29.27 11.66
CA VAL B 109 -8.89 -30.30 10.80
C VAL B 109 -10.40 -30.22 11.00
N GLN B 110 -11.13 -30.24 9.89
CA GLN B 110 -12.55 -29.91 9.92
C GLN B 110 -13.38 -30.73 10.90
N PRO B 111 -13.43 -32.08 10.83
CA PRO B 111 -14.21 -32.83 11.82
C PRO B 111 -13.74 -32.72 13.26
N GLY B 112 -12.51 -33.17 13.48
CA GLY B 112 -11.97 -33.17 14.85
C GLY B 112 -10.61 -33.80 14.88
N PRO B 113 -10.30 -34.69 15.83
CA PRO B 113 -8.95 -35.24 15.97
C PRO B 113 -8.35 -36.06 14.83
N THR B 114 -9.17 -36.84 14.14
CA THR B 114 -8.58 -37.77 13.15
C THR B 114 -9.36 -37.86 11.84
N VAL B 115 -8.68 -38.28 10.77
CA VAL B 115 -9.34 -38.53 9.46
C VAL B 115 -8.97 -39.99 9.19
N ALA B 116 -9.92 -40.84 8.79
CA ALA B 116 -9.53 -42.25 8.67
C ALA B 116 -10.12 -42.97 7.47
N SER B 117 -9.39 -43.94 6.92
CA SER B 117 -9.97 -44.82 5.86
C SER B 117 -10.64 -44.09 4.71
N GLY B 118 -9.93 -43.22 4.00
CA GLY B 118 -10.55 -42.62 2.80
C GLY B 118 -11.41 -41.42 3.09
N GLU B 119 -11.48 -40.98 4.35
CA GLU B 119 -12.20 -39.72 4.63
C GLU B 119 -11.39 -38.61 3.96
N ASN B 120 -12.03 -37.61 3.38
CA ASN B 120 -11.31 -36.47 2.77
C ASN B 120 -10.70 -35.58 3.86
N VAL B 121 -9.47 -35.08 3.67
CA VAL B 121 -8.88 -34.12 4.59
C VAL B 121 -9.20 -32.71 4.11
N THR B 122 -9.90 -31.96 4.95
CA THR B 122 -10.20 -30.55 4.70
C THR B 122 -9.67 -29.73 5.87
N LEU B 123 -8.82 -28.75 5.58
CA LEU B 123 -8.22 -27.91 6.60
C LEU B 123 -8.96 -26.59 6.71
N LEU B 124 -9.35 -26.21 7.92
CA LEU B 124 -10.11 -25.00 8.15
C LEU B 124 -9.20 -23.93 8.75
N CYS B 125 -9.06 -22.82 8.06
CA CYS B 125 -8.35 -21.65 8.59
C CYS B 125 -9.38 -20.56 8.89
N GLN B 126 -9.34 -20.01 10.10
CA GLN B 126 -10.36 -19.08 10.54
C GLN B 126 -9.76 -17.97 11.38
N SER B 127 -10.51 -16.89 11.51
CA SER B 127 -10.12 -15.76 12.34
C SER B 127 -11.37 -15.07 12.87
N GLN B 128 -11.23 -14.50 14.07
CA GLN B 128 -12.30 -13.69 14.65
C GLN B 128 -12.40 -12.35 13.95
N GLY B 129 -11.27 -11.81 13.48
CA GLY B 129 -11.27 -10.55 12.77
C GLY B 129 -11.47 -10.71 11.28
N TRP B 130 -11.86 -9.60 10.65
CA TRP B 130 -12.15 -9.60 9.22
C TRP B 130 -10.85 -9.83 8.43
N MET B 131 -10.86 -10.86 7.60
CA MET B 131 -9.76 -11.17 6.71
C MET B 131 -10.27 -11.24 5.28
N GLN B 132 -9.47 -10.72 4.34
CA GLN B 132 -9.85 -10.79 2.94
C GLN B 132 -9.48 -12.14 2.33
N THR B 133 -8.30 -12.68 2.65
CA THR B 133 -7.91 -13.98 2.10
C THR B 133 -7.19 -14.80 3.16
N PHE B 134 -7.11 -16.11 2.92
CA PHE B 134 -6.38 -17.04 3.77
C PHE B 134 -5.38 -17.81 2.93
N LEU B 135 -4.20 -18.07 3.49
CA LEU B 135 -3.13 -18.78 2.81
C LEU B 135 -2.72 -20.01 3.60
N LEU B 136 -2.54 -21.13 2.92
CA LEU B 136 -2.13 -22.38 3.53
C LEU B 136 -0.74 -22.75 3.02
N THR B 137 0.16 -23.10 3.94
CA THR B 137 1.52 -23.51 3.63
C THR B 137 1.87 -24.74 4.45
N LYS B 138 2.77 -25.56 3.90
CA LYS B 138 3.27 -26.77 4.55
C LYS B 138 4.78 -26.68 4.71
N GLU B 139 5.29 -27.12 5.86
CA GLU B 139 6.72 -26.99 6.12
C GLU B 139 7.51 -27.89 5.17
N GLY B 140 8.63 -27.36 4.69
CA GLY B 140 9.53 -28.12 3.82
C GLY B 140 9.11 -28.32 2.38
N ALA B 141 7.86 -28.73 2.16
CA ALA B 141 7.36 -28.99 0.81
C ALA B 141 6.81 -27.76 0.10
N ALA B 142 6.30 -26.77 0.83
CA ALA B 142 5.58 -25.66 0.22
C ALA B 142 6.54 -24.51 -0.07
N ASP B 143 6.88 -24.33 -1.35
CA ASP B 143 7.48 -23.09 -1.82
C ASP B 143 6.49 -22.22 -2.58
N ASP B 144 5.27 -22.69 -2.81
CA ASP B 144 4.20 -21.88 -3.39
C ASP B 144 3.00 -21.96 -2.45
N PRO B 145 2.59 -20.85 -1.84
CA PRO B 145 1.46 -20.90 -0.90
C PRO B 145 0.14 -21.05 -1.63
N TRP B 146 -0.88 -21.47 -0.89
CA TRP B 146 -2.22 -21.69 -1.44
C TRP B 146 -3.17 -20.63 -0.88
N ARG B 147 -3.58 -19.69 -1.73
CA ARG B 147 -4.44 -18.59 -1.29
C ARG B 147 -5.89 -18.82 -1.73
N LEU B 148 -6.81 -18.69 -0.78
CA LEU B 148 -8.24 -18.82 -1.03
C LEU B 148 -8.97 -17.61 -0.46
N ARG B 149 -10.09 -17.26 -1.09
CA ARG B 149 -10.89 -16.15 -0.62
C ARG B 149 -11.62 -16.50 0.66
N SER B 150 -11.77 -15.52 1.54
CA SER B 150 -12.43 -15.73 2.82
C SER B 150 -13.94 -15.65 2.66
N THR B 151 -14.64 -16.26 3.62
CA THR B 151 -16.09 -16.21 3.69
C THR B 151 -16.51 -15.88 5.11
N TYR B 152 -17.59 -15.10 5.24
CA TYR B 152 -18.16 -14.77 6.54
C TYR B 152 -19.17 -15.84 6.94
N GLN B 153 -18.86 -16.59 8.00
CA GLN B 153 -19.75 -17.63 8.49
C GLN B 153 -19.68 -17.71 10.01
N SER B 154 -20.85 -17.77 10.64
CA SER B 154 -20.96 -17.99 12.09
C SER B 154 -20.14 -16.98 12.90
N GLN B 155 -20.24 -15.70 12.51
CA GLN B 155 -19.52 -14.61 13.17
C GLN B 155 -18.01 -14.81 13.13
N LYS B 156 -17.53 -15.44 12.06
CA LYS B 156 -16.11 -15.68 11.87
C LYS B 156 -15.79 -15.48 10.40
N TYR B 157 -14.51 -15.30 10.09
CA TYR B 157 -14.05 -15.28 8.72
C TYR B 157 -13.20 -16.52 8.50
N GLN B 158 -13.50 -17.27 7.44
CA GLN B 158 -12.90 -18.60 7.34
C GLN B 158 -12.72 -19.00 5.89
N ALA B 159 -11.84 -19.98 5.69
CA ALA B 159 -11.60 -20.60 4.40
C ALA B 159 -11.35 -22.09 4.63
N GLU B 160 -11.98 -22.91 3.80
CA GLU B 160 -11.78 -24.36 3.81
C GLU B 160 -10.85 -24.73 2.67
N PHE B 161 -9.80 -25.48 2.99
CA PHE B 161 -8.84 -25.97 2.00
C PHE B 161 -9.10 -27.46 1.82
N PRO B 162 -9.82 -27.85 0.78
CA PRO B 162 -10.13 -29.27 0.57
C PRO B 162 -8.98 -29.98 -0.13
N MET B 163 -8.27 -30.82 0.61
CA MET B 163 -7.25 -31.64 -0.01
C MET B 163 -7.90 -32.95 -0.44
N GLY B 164 -7.16 -33.73 -1.23
CA GLY B 164 -7.70 -34.97 -1.72
C GLY B 164 -7.99 -35.97 -0.62
N PRO B 165 -8.48 -37.20 -0.95
CA PRO B 165 -8.67 -38.23 0.08
C PRO B 165 -7.39 -38.48 0.87
N VAL B 166 -7.52 -39.02 2.08
CA VAL B 166 -6.32 -39.15 2.97
C VAL B 166 -5.21 -39.89 2.22
N THR B 167 -4.00 -39.34 2.24
CA THR B 167 -2.82 -40.03 1.64
C THR B 167 -1.70 -39.90 2.66
N SER B 168 -0.78 -40.86 2.71
CA SER B 168 0.33 -40.80 3.65
C SER B 168 1.20 -39.56 3.41
N ALA B 169 1.15 -39.00 2.20
CA ALA B 169 1.93 -37.80 1.90
C ALA B 169 1.34 -36.54 2.52
N HIS B 170 0.06 -36.58 2.92
CA HIS B 170 -0.56 -35.44 3.57
C HIS B 170 0.00 -35.18 4.97
N ALA B 171 0.78 -36.12 5.51
CA ALA B 171 1.36 -35.93 6.83
C ALA B 171 2.43 -34.84 6.78
N GLY B 172 2.51 -34.07 7.85
CA GLY B 172 3.45 -32.97 7.92
C GLY B 172 2.90 -31.85 8.76
N THR B 173 3.68 -30.78 8.87
CA THR B 173 3.30 -29.61 9.66
C THR B 173 2.77 -28.52 8.75
N TYR B 174 1.64 -27.94 9.12
CA TYR B 174 0.93 -26.96 8.32
C TYR B 174 0.76 -25.67 9.11
N ARG B 175 0.82 -24.54 8.40
CA ARG B 175 0.54 -23.24 8.99
C ARG B 175 -0.31 -22.43 8.00
N CYS B 176 -1.26 -21.67 8.53
CA CYS B 176 -2.05 -20.78 7.69
C CYS B 176 -1.90 -19.35 8.15
N TYR B 177 -2.12 -18.44 7.20
CA TYR B 177 -1.97 -17.01 7.38
C TYR B 177 -3.22 -16.31 6.86
N GLY B 178 -3.39 -15.06 7.26
CA GLY B 178 -4.50 -14.26 6.77
C GLY B 178 -4.00 -12.96 6.18
N SER B 179 -4.77 -12.44 5.24
CA SER B 179 -4.50 -11.13 4.66
C SER B 179 -5.76 -10.29 4.84
N GLN B 180 -5.59 -9.15 5.51
CA GLN B 180 -6.63 -8.21 5.90
C GLN B 180 -6.60 -6.90 5.14
N SER B 181 -5.44 -6.23 5.10
CA SER B 181 -5.31 -4.88 4.60
C SER B 181 -5.55 -4.82 3.10
N SER B 182 -5.49 -3.59 2.56
CA SER B 182 -5.53 -3.38 1.11
C SER B 182 -4.28 -3.93 0.43
N LYS B 183 -3.34 -4.45 1.18
CA LYS B 183 -2.09 -4.98 0.63
C LYS B 183 -2.08 -6.49 0.83
N PRO B 184 -2.43 -7.28 -0.19
CA PRO B 184 -2.56 -8.73 -0.01
C PRO B 184 -1.25 -9.44 0.32
N TYR B 185 -0.11 -8.77 0.15
CA TYR B 185 1.18 -9.36 0.45
C TYR B 185 1.60 -9.16 1.89
N LEU B 186 0.78 -8.48 2.68
CA LEU B 186 0.99 -8.35 4.12
C LEU B 186 0.12 -9.39 4.81
N LEU B 187 0.77 -10.28 5.58
CA LEU B 187 0.07 -11.39 6.21
C LEU B 187 0.07 -11.23 7.72
N THR B 188 -0.79 -12.01 8.37
CA THR B 188 -0.85 -12.03 9.81
C THR B 188 0.32 -12.83 10.37
N HIS B 189 0.38 -12.95 11.68
CA HIS B 189 1.28 -13.89 12.30
C HIS B 189 0.92 -15.30 11.86
N PRO B 190 1.89 -16.20 11.74
CA PRO B 190 1.57 -17.58 11.39
C PRO B 190 0.64 -18.20 12.43
N SER B 191 -0.27 -19.04 11.96
CA SER B 191 -1.11 -19.77 12.90
C SER B 191 -0.27 -20.77 13.67
N ASP B 192 -0.81 -21.23 14.79
CA ASP B 192 -0.15 -22.29 15.53
C ASP B 192 -0.06 -23.54 14.66
N PRO B 193 1.07 -24.24 14.67
CA PRO B 193 1.27 -25.34 13.72
C PRO B 193 0.27 -26.47 13.91
N LEU B 194 -0.09 -27.08 12.78
CA LEU B 194 -0.97 -28.28 12.80
C LEU B 194 -0.17 -29.42 12.16
N GLU B 195 0.32 -30.35 12.97
CA GLU B 195 1.10 -31.49 12.46
C GLU B 195 0.17 -32.68 12.24
N LEU B 196 0.01 -33.10 10.99
CA LEU B 196 -0.79 -34.30 10.71
C LEU B 196 0.17 -35.50 10.79
N VAL B 197 -0.12 -36.47 11.65
CA VAL B 197 0.80 -37.64 11.85
C VAL B 197 0.06 -38.91 11.45
N VAL B 198 0.77 -39.86 10.85
CA VAL B 198 0.13 -41.12 10.37
C VAL B 198 -0.35 -41.96 11.56
N SER B 199 -1.62 -42.34 11.57
CA SER B 199 -2.13 -43.27 12.61
C SER B 199 -2.94 -44.35 11.90
N GLY B 200 -2.48 -45.60 11.90
CA GLY B 200 -3.21 -46.60 11.12
C GLY B 200 -3.11 -46.26 9.64
N GLY B 201 -4.24 -46.25 8.95
CA GLY B 201 -4.28 -45.90 7.52
C GLY B 201 -4.80 -44.48 7.36
N GLY B 202 -4.81 -43.72 8.47
CA GLY B 202 -5.34 -42.34 8.45
C GLY B 202 -4.43 -41.36 9.15
N GLY B 203 -4.72 -40.06 9.05
CA GLY B 203 -3.93 -39.04 9.75
C GLY B 203 -4.51 -38.72 11.12
N LEU B 204 -3.69 -38.20 12.02
CA LEU B 204 -4.14 -37.81 13.39
C LEU B 204 -3.54 -36.42 13.63
N GLU B 205 -4.12 -35.61 14.53
CA GLU B 205 -3.50 -34.30 14.86
C GLU B 205 -2.81 -34.39 16.21
N VAL B 206 -1.54 -34.00 16.28
CA VAL B 206 -0.77 -34.08 17.56
C VAL B 206 -0.43 -32.67 18.04
N LEU B 207 -0.64 -32.38 19.33
CA LEU B 207 -0.33 -31.05 19.93
C LEU B 207 -0.10 -29.97 18.86
N GLY C 12 -17.95 44.51 41.66
CA GLY C 12 -18.71 43.25 41.58
C GLY C 12 -17.93 42.18 40.85
N GLU C 13 -16.60 42.24 40.89
CA GLU C 13 -15.76 41.28 40.13
C GLU C 13 -15.96 39.84 40.62
N ALA C 14 -16.03 39.63 41.94
CA ALA C 14 -16.23 38.26 42.46
C ALA C 14 -17.59 37.78 41.98
N ALA C 15 -18.61 38.63 42.11
CA ALA C 15 -19.92 38.10 41.72
C ALA C 15 -19.80 37.71 40.24
N ARG C 16 -19.20 38.57 39.42
CA ARG C 16 -19.18 38.29 37.96
C ARG C 16 -18.47 36.97 37.68
N ILE C 17 -17.27 36.76 38.22
CA ILE C 17 -16.61 35.48 37.83
C ILE C 17 -17.42 34.30 38.36
N PRO C 18 -17.81 34.20 39.64
CA PRO C 18 -18.71 33.10 40.04
C PRO C 18 -20.00 32.90 39.25
N ALA C 19 -20.65 33.97 38.81
CA ALA C 19 -21.96 33.87 38.12
C ALA C 19 -21.75 33.37 36.69
N ALA C 20 -20.69 33.83 36.02
CA ALA C 20 -20.41 33.31 34.69
C ALA C 20 -20.20 31.81 34.72
N ILE C 21 -19.45 31.33 35.72
CA ILE C 21 -19.23 29.88 35.83
C ILE C 21 -20.55 29.14 36.02
N ASP C 22 -21.42 29.65 36.91
CA ASP C 22 -22.70 28.99 37.14
C ASP C 22 -23.55 28.98 35.87
N ALA C 23 -23.51 30.08 35.11
CA ALA C 23 -24.32 30.15 33.89
C ALA C 23 -23.86 29.15 32.83
N VAL C 24 -22.53 29.03 32.65
CA VAL C 24 -22.06 28.06 31.65
C VAL C 24 -22.37 26.64 32.09
N ILE C 25 -22.22 26.34 33.38
CA ILE C 25 -22.56 24.99 33.86
C ILE C 25 -24.03 24.69 33.59
N GLU C 26 -24.91 25.65 33.86
CA GLU C 26 -26.33 25.42 33.61
C GLU C 26 -26.61 25.23 32.12
N GLY C 27 -25.94 26.00 31.27
CA GLY C 27 -26.12 25.81 29.83
C GLY C 27 -25.70 24.43 29.37
N ILE C 28 -24.56 23.95 29.89
CA ILE C 28 -24.09 22.60 29.55
C ILE C 28 -25.10 21.56 30.01
N LYS C 29 -25.60 21.71 31.25
CA LYS C 29 -26.55 20.74 31.77
C LYS C 29 -27.82 20.73 30.94
N SER C 30 -28.22 21.89 30.41
CA SER C 30 -29.42 21.95 29.58
C SER C 30 -29.19 21.29 28.23
N LYS C 31 -28.13 21.69 27.51
CA LYS C 31 -27.94 21.21 26.14
C LYS C 31 -27.65 19.71 26.10
N PHE C 32 -26.75 19.24 26.96
CA PHE C 32 -26.31 17.85 26.90
C PHE C 32 -27.06 16.96 27.89
N SER C 33 -28.17 17.43 28.44
CA SER C 33 -29.01 16.67 29.37
C SER C 33 -28.18 15.98 30.45
N ILE C 34 -27.29 16.74 31.06
CA ILE C 34 -26.42 16.25 32.12
C ILE C 34 -27.07 16.56 33.44
N ASP C 35 -27.13 15.57 34.34
CA ASP C 35 -27.78 15.75 35.62
C ASP C 35 -27.02 16.77 36.46
N THR C 36 -27.60 17.11 37.62
CA THR C 36 -26.95 18.04 38.52
C THR C 36 -25.60 17.52 38.96
N LEU C 37 -25.50 16.23 39.27
CA LEU C 37 -24.25 15.63 39.74
C LEU C 37 -23.12 15.81 38.72
N GLY C 38 -23.41 15.55 37.44
CA GLY C 38 -22.44 15.84 36.40
C GLY C 38 -22.12 17.32 36.31
N GLY C 39 -23.10 18.16 36.60
CA GLY C 39 -22.85 19.59 36.65
C GLY C 39 -21.82 19.96 37.70
N GLU C 40 -21.93 19.37 38.89
CA GLU C 40 -20.94 19.61 39.93
C GLU C 40 -19.60 19.00 39.57
N ALA C 41 -19.60 17.86 38.87
CA ALA C 41 -18.34 17.27 38.43
C ALA C 41 -17.61 18.21 37.47
N LEU C 42 -18.35 18.80 36.53
CA LEU C 42 -17.75 19.78 35.62
C LEU C 42 -17.33 21.05 36.35
N LYS C 43 -18.18 21.55 37.27
CA LYS C 43 -17.85 22.72 38.06
C LYS C 43 -16.55 22.54 38.85
N SER C 44 -16.30 21.33 39.36
CA SER C 44 -15.13 21.10 40.20
C SER C 44 -13.82 21.27 39.43
N VAL C 45 -13.85 21.19 38.11
CA VAL C 45 -12.67 21.42 37.28
C VAL C 45 -12.76 22.69 36.45
N ILE C 46 -13.93 23.33 36.38
CA ILE C 46 -14.09 24.50 35.52
C ILE C 46 -13.98 25.80 36.31
N ASP C 47 -13.77 25.71 37.62
CA ASP C 47 -13.79 26.91 38.45
C ASP C 47 -12.64 27.86 38.17
N GLY C 48 -11.57 27.39 37.53
CA GLY C 48 -10.52 28.28 37.09
C GLY C 48 -11.02 29.22 36.01
N THR C 49 -10.11 30.03 35.49
CA THR C 49 -10.49 30.93 34.38
C THR C 49 -10.40 30.21 33.03
N ASN C 50 -10.97 29.01 33.01
CA ASN C 50 -11.14 28.21 31.81
C ASN C 50 -12.59 28.07 31.42
N TYR C 51 -13.49 28.82 32.07
CA TYR C 51 -14.92 28.73 31.80
C TYR C 51 -15.30 29.30 30.44
N TYR C 52 -14.41 30.04 29.78
CA TYR C 52 -14.72 30.60 28.47
C TYR C 52 -14.08 29.81 27.34
N ASP C 53 -13.26 28.81 27.65
CA ASP C 53 -12.58 28.03 26.61
C ASP C 53 -13.40 26.78 26.31
N ALA C 54 -14.07 26.79 25.16
CA ALA C 54 -14.83 25.61 24.74
C ALA C 54 -13.94 24.38 24.58
N SER C 55 -12.68 24.57 24.18
CA SER C 55 -11.77 23.44 24.01
C SER C 55 -11.60 22.66 25.33
N TYR C 56 -11.24 23.37 26.40
CA TYR C 56 -11.03 22.71 27.69
C TYR C 56 -12.32 22.06 28.18
N ILE C 57 -13.45 22.74 28.04
CA ILE C 57 -14.71 22.18 28.48
C ILE C 57 -15.04 20.90 27.69
N THR C 58 -14.73 20.90 26.40
CA THR C 58 -14.97 19.71 25.59
C THR C 58 -14.10 18.55 26.05
N THR C 59 -12.82 18.80 26.31
CA THR C 59 -11.97 17.72 26.83
C THR C 59 -12.47 17.24 28.19
N ALA C 60 -12.89 18.17 29.04
CA ALA C 60 -13.39 17.79 30.36
C ALA C 60 -14.65 16.93 30.26
N ILE C 61 -15.55 17.30 29.36
CA ILE C 61 -16.77 16.51 29.14
C ILE C 61 -16.41 15.12 28.61
N TYR C 62 -15.48 15.06 27.67
CA TYR C 62 -15.06 13.76 27.13
C TYR C 62 -14.48 12.87 28.22
N ASN C 63 -13.59 13.41 29.05
CA ASN C 63 -12.96 12.62 30.09
C ASN C 63 -13.98 12.19 31.15
N LYS C 64 -14.75 13.14 31.69
CA LYS C 64 -15.60 12.84 32.82
C LYS C 64 -16.80 11.98 32.44
N PHE C 65 -17.39 12.24 31.26
CA PHE C 65 -18.59 11.55 30.85
C PHE C 65 -18.31 10.44 29.83
N GLN C 66 -17.05 10.20 29.51
CA GLN C 66 -16.63 9.06 28.68
C GLN C 66 -17.37 9.05 27.33
N VAL C 67 -17.26 10.17 26.62
CA VAL C 67 -17.97 10.28 25.35
C VAL C 67 -17.39 9.33 24.32
N SER C 68 -16.10 8.99 24.46
CA SER C 68 -15.50 8.01 23.55
C SER C 68 -16.20 6.67 23.65
N SER C 69 -16.71 6.32 24.83
CA SER C 69 -17.45 5.08 25.03
C SER C 69 -18.85 5.10 24.42
N CYS C 70 -19.25 6.19 23.77
CA CYS C 70 -20.57 6.22 23.15
C CYS C 70 -20.57 5.57 21.76
N LEU C 71 -19.43 5.52 21.11
CA LEU C 71 -19.34 5.10 19.72
C LEU C 71 -19.05 3.61 19.61
N PRO C 72 -19.45 2.98 18.49
CA PRO C 72 -19.16 1.56 18.29
C PRO C 72 -17.66 1.29 18.30
N SER C 73 -17.30 0.12 18.81
CA SER C 73 -15.91 -0.30 18.95
C SER C 73 -15.74 -1.69 18.35
N VAL C 74 -14.52 -1.99 17.93
CA VAL C 74 -14.16 -3.28 17.36
C VAL C 74 -13.08 -3.89 18.24
N PRO C 75 -13.19 -5.16 18.62
CA PRO C 75 -12.20 -5.75 19.52
C PRO C 75 -10.78 -5.70 18.95
N PHE C 76 -9.83 -5.57 19.88
CA PHE C 76 -8.43 -5.41 19.51
C PHE C 76 -7.90 -6.62 18.74
N LEU C 77 -8.20 -7.82 19.23
CA LEU C 77 -7.70 -9.05 18.62
C LEU C 77 -8.65 -9.61 17.57
N GLY C 78 -9.64 -8.85 17.15
CA GLY C 78 -10.56 -9.29 16.12
C GLY C 78 -11.92 -9.63 16.70
N GLY C 79 -12.97 -9.19 16.01
CA GLY C 79 -14.33 -9.46 16.40
C GLY C 79 -15.32 -8.55 15.70
N PRO C 80 -16.61 -8.82 15.90
CA PRO C 80 -17.64 -7.96 15.31
C PRO C 80 -17.74 -6.63 16.03
N PRO C 81 -18.25 -5.60 15.36
CA PRO C 81 -18.50 -4.32 16.04
C PRO C 81 -19.53 -4.46 17.16
N VAL C 82 -19.31 -3.72 18.24
CA VAL C 82 -20.18 -3.79 19.41
C VAL C 82 -20.70 -2.39 19.74
N PRO C 83 -21.85 -2.26 20.39
CA PRO C 83 -22.46 -0.93 20.61
C PRO C 83 -21.61 0.05 21.41
N GLY C 84 -20.80 -0.42 22.36
CA GLY C 84 -19.99 0.49 23.15
C GLY C 84 -20.33 0.42 24.62
N ALA C 85 -19.35 0.65 25.49
CA ALA C 85 -19.53 0.42 26.91
C ALA C 85 -20.54 1.38 27.54
N GLY C 86 -20.63 2.61 27.04
CA GLY C 86 -21.50 3.60 27.63
C GLY C 86 -22.80 3.85 26.89
N ALA C 87 -23.18 3.02 25.93
CA ALA C 87 -24.35 3.29 25.11
C ALA C 87 -25.63 3.46 25.94
N ASN C 88 -25.68 2.87 27.12
CA ASN C 88 -26.85 3.02 28.00
C ASN C 88 -26.78 4.25 28.88
N LYS C 89 -25.61 4.85 29.05
CA LYS C 89 -25.49 6.04 29.88
C LYS C 89 -26.24 7.21 29.24
N PRO C 90 -26.76 8.13 30.05
CA PRO C 90 -27.56 9.23 29.48
C PRO C 90 -26.78 10.14 28.54
N ILE C 91 -25.47 10.30 28.74
CA ILE C 91 -24.69 11.18 27.89
C ILE C 91 -24.64 10.66 26.47
N CYS C 92 -24.62 9.33 26.30
CA CYS C 92 -24.58 8.77 24.95
C CYS C 92 -25.89 8.97 24.21
N SER C 93 -27.02 8.84 24.93
CA SER C 93 -28.31 9.14 24.31
C SER C 93 -28.40 10.61 23.93
N ALA C 94 -27.91 11.51 24.80
CA ALA C 94 -27.94 12.93 24.49
C ALA C 94 -27.08 13.25 23.27
N VAL C 95 -25.88 12.68 23.19
CA VAL C 95 -25.00 12.90 22.04
C VAL C 95 -25.64 12.34 20.78
N ASP C 96 -26.27 11.17 20.88
CA ASP C 96 -26.92 10.56 19.71
C ASP C 96 -28.05 11.44 19.19
N LYS C 97 -28.89 11.96 20.09
CA LYS C 97 -29.96 12.86 19.65
C LYS C 97 -29.38 14.14 19.04
N LEU C 98 -28.34 14.69 19.66
CA LEU C 98 -27.83 15.98 19.22
C LEU C 98 -27.13 15.89 17.87
N TYR C 99 -26.37 14.82 17.64
CA TYR C 99 -25.47 14.77 16.49
C TYR C 99 -25.71 13.59 15.55
N LEU C 100 -26.64 12.68 15.85
CA LEU C 100 -26.97 11.59 14.91
C LEU C 100 -28.49 11.48 14.77
N GLY C 101 -29.05 12.32 13.91
CA GLY C 101 -30.42 12.15 13.47
C GLY C 101 -30.50 11.39 12.16
N SER C 102 -31.72 11.19 11.68
CA SER C 102 -31.90 10.63 10.35
C SER C 102 -31.32 11.59 9.31
N GLY C 103 -30.46 11.07 8.46
CA GLY C 103 -29.77 11.89 7.48
C GLY C 103 -28.53 12.60 7.98
N ASN C 104 -28.14 12.38 9.23
CA ASN C 104 -26.96 13.01 9.81
C ASN C 104 -25.88 11.96 10.02
N PHE C 105 -24.63 12.43 10.08
CA PHE C 105 -23.47 11.57 10.11
C PHE C 105 -22.52 11.99 11.22
N LEU C 106 -21.70 11.03 11.66
CA LEU C 106 -20.81 11.24 12.79
C LEU C 106 -19.60 10.32 12.66
N ASP C 107 -18.45 10.82 13.11
CA ASP C 107 -17.26 9.99 13.28
C ASP C 107 -16.51 10.45 14.52
N LYS C 108 -15.48 9.67 14.89
CA LYS C 108 -14.71 9.97 16.10
C LYS C 108 -14.03 11.34 16.04
N SER C 109 -13.68 11.81 14.83
CA SER C 109 -13.04 13.11 14.71
C SER C 109 -14.05 14.26 14.72
N SER C 110 -15.26 14.04 14.21
CA SER C 110 -16.23 15.12 14.08
C SER C 110 -16.89 15.46 15.41
N LEU C 111 -17.13 14.46 16.25
CA LEU C 111 -17.86 14.70 17.51
C LEU C 111 -17.22 15.76 18.39
N PRO C 112 -15.90 15.74 18.66
CA PRO C 112 -15.33 16.80 19.51
C PRO C 112 -15.61 18.20 18.98
N GLY C 113 -15.53 18.39 17.66
CA GLY C 113 -15.79 19.71 17.11
C GLY C 113 -17.23 20.15 17.27
N SER C 114 -18.18 19.22 17.11
CA SER C 114 -19.58 19.56 17.28
C SER C 114 -19.88 19.94 18.74
N ILE C 115 -19.37 19.14 19.67
CA ILE C 115 -19.55 19.45 21.09
C ILE C 115 -18.89 20.79 21.43
N GLN C 116 -17.71 21.05 20.85
CA GLN C 116 -17.02 22.31 21.10
C GLN C 116 -17.79 23.50 20.57
N LYS C 117 -18.37 23.37 19.38
CA LYS C 117 -19.16 24.46 18.82
C LYS C 117 -20.37 24.78 19.69
N ASP C 118 -21.06 23.74 20.16
CA ASP C 118 -22.24 24.01 20.99
C ASP C 118 -21.85 24.58 22.35
N VAL C 119 -20.73 24.12 22.91
CA VAL C 119 -20.25 24.69 24.18
C VAL C 119 -19.85 26.15 23.99
N ALA C 120 -19.28 26.47 22.83
CA ALA C 120 -18.92 27.86 22.53
C ALA C 120 -20.17 28.73 22.45
N LYS C 121 -21.24 28.21 21.84
CA LYS C 121 -22.50 28.94 21.83
C LYS C 121 -22.99 29.19 23.25
N ILE C 122 -22.87 28.17 24.12
CA ILE C 122 -23.29 28.33 25.51
C ILE C 122 -22.52 29.45 26.19
N VAL C 123 -21.19 29.46 26.03
CA VAL C 123 -20.37 30.46 26.70
C VAL C 123 -20.70 31.86 26.21
N ALA C 124 -20.81 32.02 24.88
CA ALA C 124 -21.10 33.33 24.30
C ALA C 124 -22.44 33.86 24.80
N GLY C 125 -23.49 33.02 24.74
CA GLY C 125 -24.78 33.46 25.23
C GLY C 125 -24.77 33.79 26.72
N ALA C 126 -24.09 32.98 27.53
CA ALA C 126 -24.09 33.22 28.96
C ALA C 126 -23.47 34.57 29.30
N GLU C 127 -22.32 34.87 28.71
CA GLU C 127 -21.69 36.14 29.08
C GLU C 127 -22.35 37.34 28.43
N GLN C 128 -22.83 37.23 27.18
CA GLN C 128 -23.63 38.31 26.61
C GLN C 128 -24.81 38.66 27.51
N ALA C 129 -25.58 37.66 27.92
CA ALA C 129 -26.76 37.94 28.74
C ALA C 129 -26.38 38.46 30.12
N ALA C 130 -25.33 37.88 30.74
CA ALA C 130 -24.95 38.30 32.07
C ALA C 130 -24.47 39.75 32.09
N LYS C 131 -23.55 40.09 31.20
CA LYS C 131 -23.03 41.48 31.14
C LYS C 131 -24.18 42.46 30.92
N ALA C 132 -24.99 42.25 29.88
CA ALA C 132 -26.01 43.26 29.54
C ALA C 132 -27.00 43.48 30.67
N LYS C 133 -27.52 42.42 31.28
CA LYS C 133 -28.56 42.65 32.31
C LYS C 133 -27.94 43.45 33.46
N ALA C 134 -26.72 43.09 33.86
CA ALA C 134 -26.08 43.77 35.00
C ALA C 134 -25.84 45.24 34.66
N ALA C 135 -25.39 45.52 33.43
CA ALA C 135 -25.12 46.91 33.01
C ALA C 135 -26.43 47.70 33.02
N MET C 136 -27.52 47.09 32.57
CA MET C 136 -28.84 47.78 32.59
C MET C 136 -29.23 48.10 34.04
N ALA D 9 61.60 27.98 0.94
CA ALA D 9 60.50 27.39 1.68
C ALA D 9 59.18 28.09 1.36
N LEU D 10 59.24 29.42 1.26
CA LEU D 10 58.04 30.18 0.91
C LEU D 10 57.53 29.79 -0.47
N ALA D 11 58.44 29.61 -1.43
CA ALA D 11 58.05 29.09 -2.73
C ALA D 11 57.46 27.68 -2.61
N GLY D 12 57.95 26.89 -1.65
CA GLY D 12 57.38 25.57 -1.43
C GLY D 12 55.92 25.61 -1.05
N GLU D 13 55.58 26.45 -0.07
CA GLU D 13 54.19 26.59 0.31
C GLU D 13 53.37 27.24 -0.80
N ALA D 14 54.00 28.11 -1.60
CA ALA D 14 53.32 28.67 -2.75
C ALA D 14 53.00 27.63 -3.81
N ALA D 15 53.75 26.52 -3.84
CA ALA D 15 53.51 25.47 -4.83
C ALA D 15 52.76 24.27 -4.26
N ARG D 16 52.56 24.20 -2.95
CA ARG D 16 51.89 23.05 -2.34
C ARG D 16 50.49 22.86 -2.90
N ILE D 17 49.60 23.83 -2.67
CA ILE D 17 48.18 23.67 -3.03
C ILE D 17 47.98 23.46 -4.53
N PRO D 18 48.62 24.24 -5.43
CA PRO D 18 48.42 23.94 -6.86
C PRO D 18 48.84 22.53 -7.23
N ALA D 19 49.90 22.02 -6.60
CA ALA D 19 50.32 20.65 -6.83
C ALA D 19 49.26 19.67 -6.35
N ALA D 20 48.62 19.95 -5.21
CA ALA D 20 47.55 19.09 -4.72
C ALA D 20 46.36 19.07 -5.67
N ILE D 21 45.98 20.24 -6.20
CA ILE D 21 44.86 20.30 -7.13
C ILE D 21 45.16 19.48 -8.38
N ASP D 22 46.36 19.67 -8.94
CA ASP D 22 46.74 18.90 -10.12
C ASP D 22 46.76 17.40 -9.82
N ALA D 23 47.22 17.04 -8.62
CA ALA D 23 47.28 15.63 -8.24
C ALA D 23 45.89 15.03 -8.13
N VAL D 24 44.92 15.79 -7.59
CA VAL D 24 43.56 15.28 -7.49
C VAL D 24 42.98 15.07 -8.88
N ILE D 25 43.21 16.02 -9.78
CA ILE D 25 42.71 15.86 -11.16
C ILE D 25 43.30 14.60 -11.79
N GLU D 26 44.61 14.41 -11.63
CA GLU D 26 45.27 13.26 -12.22
C GLU D 26 44.79 11.95 -11.60
N GLY D 27 44.58 11.93 -10.29
CA GLY D 27 44.07 10.73 -9.65
C GLY D 27 42.68 10.36 -10.13
N ILE D 28 41.80 11.36 -10.28
CA ILE D 28 40.46 11.09 -10.78
C ILE D 28 40.52 10.55 -12.21
N LYS D 29 41.29 11.20 -13.09
CA LYS D 29 41.35 10.71 -14.46
C LYS D 29 41.99 9.32 -14.55
N SER D 30 42.92 9.00 -13.64
CA SER D 30 43.51 7.67 -13.64
C SER D 30 42.51 6.62 -13.18
N LYS D 31 41.88 6.83 -12.01
CA LYS D 31 40.99 5.80 -11.46
C LYS D 31 39.75 5.62 -12.31
N PHE D 32 39.15 6.72 -12.77
CA PHE D 32 37.90 6.67 -13.51
C PHE D 32 38.10 6.69 -15.02
N SER D 33 39.32 6.43 -15.48
CA SER D 33 39.65 6.34 -16.91
C SER D 33 39.06 7.51 -17.70
N ILE D 34 39.29 8.72 -17.19
CA ILE D 34 38.79 9.95 -17.78
C ILE D 34 39.88 10.56 -18.65
N ASP D 35 39.49 11.02 -19.84
CA ASP D 35 40.45 11.60 -20.76
C ASP D 35 41.00 12.93 -20.22
N THR D 36 41.97 13.49 -20.93
CA THR D 36 42.55 14.78 -20.54
C THR D 36 41.49 15.88 -20.57
N LEU D 37 40.69 15.93 -21.64
CA LEU D 37 39.68 16.98 -21.78
C LEU D 37 38.72 16.98 -20.61
N GLY D 38 38.25 15.79 -20.21
CA GLY D 38 37.51 15.70 -18.97
C GLY D 38 38.35 16.13 -17.79
N GLY D 39 39.68 15.98 -17.91
CA GLY D 39 40.56 16.46 -16.86
C GLY D 39 40.45 17.95 -16.60
N GLU D 40 40.53 18.77 -17.67
CA GLU D 40 40.29 20.20 -17.38
C GLU D 40 38.83 20.47 -17.09
N ALA D 41 37.92 19.62 -17.58
CA ALA D 41 36.53 19.79 -17.19
C ALA D 41 36.39 19.72 -15.67
N LEU D 42 37.14 18.81 -15.04
CA LEU D 42 37.17 18.76 -13.57
C LEU D 42 37.81 20.00 -12.98
N LYS D 43 38.88 20.47 -13.63
CA LYS D 43 39.45 21.79 -13.36
C LYS D 43 38.29 22.80 -13.53
N SER D 44 38.42 23.98 -12.94
CA SER D 44 37.37 25.01 -12.99
C SER D 44 36.19 24.77 -12.04
N VAL D 45 36.05 23.56 -11.52
CA VAL D 45 35.17 23.34 -10.38
C VAL D 45 35.97 22.97 -9.14
N ILE D 46 37.24 22.57 -9.31
CA ILE D 46 38.11 22.20 -8.21
C ILE D 46 39.13 23.31 -8.00
N ASP D 47 38.81 24.26 -7.14
CA ASP D 47 39.72 25.32 -6.73
C ASP D 47 40.29 24.99 -5.35
N GLY D 48 40.92 25.97 -4.72
CA GLY D 48 41.50 25.78 -3.41
C GLY D 48 40.51 25.64 -2.27
N THR D 49 39.20 25.73 -2.53
CA THR D 49 38.22 25.57 -1.46
C THR D 49 37.55 24.20 -1.46
N ASN D 50 37.61 23.43 -2.55
CA ASN D 50 36.91 22.16 -2.61
C ASN D 50 37.77 21.00 -3.11
N TYR D 51 39.09 21.18 -3.23
CA TYR D 51 39.93 20.09 -3.73
C TYR D 51 40.06 18.94 -2.74
N TYR D 52 39.65 19.15 -1.48
CA TYR D 52 39.67 18.15 -0.44
C TYR D 52 38.29 17.59 -0.15
N ASP D 53 37.27 18.07 -0.83
CA ASP D 53 35.88 17.69 -0.59
C ASP D 53 35.52 16.52 -1.49
N ALA D 54 35.54 15.31 -0.92
CA ALA D 54 35.18 14.12 -1.70
C ALA D 54 33.71 14.16 -2.11
N SER D 55 32.84 14.67 -1.24
CA SER D 55 31.42 14.78 -1.58
C SER D 55 31.22 15.71 -2.77
N TYR D 56 31.79 16.92 -2.71
CA TYR D 56 31.63 17.87 -3.79
C TYR D 56 32.24 17.34 -5.09
N ILE D 57 33.43 16.73 -4.99
CA ILE D 57 34.06 16.18 -6.19
C ILE D 57 33.19 15.09 -6.79
N THR D 58 32.55 14.27 -5.94
CA THR D 58 31.65 13.25 -6.45
C THR D 58 30.46 13.87 -7.19
N THR D 59 29.86 14.92 -6.61
CA THR D 59 28.78 15.60 -7.32
C THR D 59 29.26 16.15 -8.65
N ALA D 60 30.47 16.71 -8.67
CA ALA D 60 31.02 17.26 -9.90
C ALA D 60 31.22 16.18 -10.96
N ILE D 61 31.73 15.02 -10.56
CA ILE D 61 31.88 13.91 -11.49
C ILE D 61 30.52 13.47 -12.02
N TYR D 62 29.52 13.40 -11.14
CA TYR D 62 28.17 13.05 -11.57
C TYR D 62 27.66 14.02 -12.62
N ASN D 63 27.82 15.32 -12.36
CA ASN D 63 27.31 16.33 -13.30
C ASN D 63 28.07 16.29 -14.62
N LYS D 64 29.41 16.31 -14.56
CA LYS D 64 30.20 16.49 -15.77
C LYS D 64 30.20 15.23 -16.63
N PHE D 65 30.28 14.05 -16.01
CA PHE D 65 30.39 12.81 -16.77
C PHE D 65 29.09 12.01 -16.81
N GLN D 66 28.00 12.54 -16.22
CA GLN D 66 26.66 11.96 -16.32
C GLN D 66 26.65 10.48 -15.92
N VAL D 67 27.18 10.19 -14.73
CA VAL D 67 27.27 8.80 -14.29
C VAL D 67 25.90 8.21 -13.97
N SER D 68 24.90 9.05 -13.67
CA SER D 68 23.56 8.53 -13.44
C SER D 68 23.02 7.82 -14.67
N SER D 69 23.42 8.26 -15.87
CA SER D 69 23.04 7.58 -17.11
C SER D 69 23.75 6.27 -17.31
N CYS D 70 24.57 5.83 -16.35
CA CYS D 70 25.26 4.55 -16.45
C CYS D 70 24.38 3.38 -16.00
N LEU D 71 23.37 3.64 -15.16
CA LEU D 71 22.55 2.64 -14.51
C LEU D 71 21.29 2.35 -15.31
N PRO D 72 20.70 1.16 -15.14
CA PRO D 72 19.46 0.83 -15.85
C PRO D 72 18.34 1.82 -15.54
N SER D 73 17.51 2.06 -16.55
CA SER D 73 16.40 3.02 -16.46
C SER D 73 15.11 2.38 -16.94
N VAL D 74 13.99 2.86 -16.39
CA VAL D 74 12.66 2.42 -16.76
C VAL D 74 11.87 3.64 -17.23
N PRO D 75 11.18 3.58 -18.37
CA PRO D 75 10.47 4.77 -18.87
C PRO D 75 9.40 5.28 -17.91
N PHE D 76 9.19 6.60 -17.98
CA PHE D 76 8.26 7.29 -17.10
C PHE D 76 6.83 6.78 -17.29
N LEU D 77 6.40 6.63 -18.54
CA LEU D 77 5.04 6.20 -18.85
C LEU D 77 4.90 4.70 -18.94
N GLY D 78 5.90 3.94 -18.53
CA GLY D 78 5.80 2.50 -18.53
C GLY D 78 6.64 1.89 -19.65
N GLY D 79 7.34 0.80 -19.31
CA GLY D 79 8.14 0.09 -20.28
C GLY D 79 9.13 -0.86 -19.62
N PRO D 80 9.82 -1.66 -20.43
CA PRO D 80 10.84 -2.56 -19.89
C PRO D 80 12.09 -1.78 -19.50
N PRO D 81 12.91 -2.30 -18.59
CA PRO D 81 14.17 -1.64 -18.29
C PRO D 81 15.07 -1.58 -19.51
N VAL D 82 15.76 -0.46 -19.67
CA VAL D 82 16.63 -0.23 -20.82
C VAL D 82 18.01 0.20 -20.33
N PRO D 83 19.07 -0.04 -21.09
CA PRO D 83 20.40 0.39 -20.65
C PRO D 83 20.44 1.90 -20.52
N GLY D 84 21.31 2.38 -19.65
CA GLY D 84 21.44 3.81 -19.45
C GLY D 84 21.91 4.50 -20.73
N ALA D 85 21.52 5.78 -20.85
CA ALA D 85 21.81 6.51 -22.08
C ALA D 85 23.31 6.65 -22.32
N GLY D 86 24.10 6.64 -21.27
CA GLY D 86 25.54 6.78 -21.37
C GLY D 86 26.30 5.48 -21.28
N ALA D 87 25.62 4.32 -21.41
CA ALA D 87 26.29 3.04 -21.24
C ALA D 87 27.44 2.85 -22.22
N ASN D 88 27.45 3.58 -23.33
CA ASN D 88 28.55 3.52 -24.28
C ASN D 88 29.72 4.41 -23.89
N LYS D 89 29.49 5.39 -23.02
CA LYS D 89 30.55 6.28 -22.60
C LYS D 89 31.61 5.54 -21.78
N PRO D 90 32.87 5.95 -21.86
CA PRO D 90 33.92 5.23 -21.11
C PRO D 90 33.74 5.31 -19.60
N ILE D 91 33.12 6.38 -19.11
CA ILE D 91 32.94 6.53 -17.67
C ILE D 91 32.04 5.42 -17.13
N CYS D 92 31.05 4.99 -17.92
CA CYS D 92 30.15 3.93 -17.45
C CYS D 92 30.87 2.58 -17.42
N SER D 93 31.71 2.32 -18.40
CA SER D 93 32.51 1.09 -18.37
C SER D 93 33.46 1.09 -17.18
N ALA D 94 34.07 2.24 -16.90
CA ALA D 94 34.97 2.35 -15.74
C ALA D 94 34.21 2.12 -14.44
N VAL D 95 33.02 2.72 -14.31
CA VAL D 95 32.22 2.53 -13.10
C VAL D 95 31.81 1.07 -12.95
N ASP D 96 31.40 0.43 -14.06
CA ASP D 96 30.98 -0.97 -14.00
C ASP D 96 32.13 -1.88 -13.59
N LYS D 97 33.32 -1.65 -14.14
CA LYS D 97 34.46 -2.48 -13.76
C LYS D 97 34.92 -2.18 -12.33
N LEU D 98 34.74 -0.95 -11.87
CA LEU D 98 35.20 -0.60 -10.53
C LEU D 98 34.27 -1.14 -9.45
N TYR D 99 32.95 -1.07 -9.68
CA TYR D 99 31.99 -1.29 -8.61
C TYR D 99 31.00 -2.42 -8.85
N LEU D 100 31.03 -3.07 -10.02
CA LEU D 100 30.18 -4.24 -10.27
C LEU D 100 31.03 -5.36 -10.88
N GLY D 101 31.71 -6.11 -10.02
CA GLY D 101 32.35 -7.34 -10.43
C GLY D 101 31.43 -8.53 -10.24
N SER D 102 31.95 -9.70 -10.60
CA SER D 102 31.22 -10.93 -10.32
C SER D 102 31.08 -11.12 -8.82
N GLY D 103 29.85 -11.32 -8.36
CA GLY D 103 29.58 -11.44 -6.94
C GLY D 103 29.44 -10.12 -6.22
N ASN D 104 29.50 -9.00 -6.93
CA ASN D 104 29.37 -7.67 -6.34
C ASN D 104 28.04 -7.05 -6.76
N PHE D 105 27.58 -6.10 -5.95
CA PHE D 105 26.25 -5.53 -6.10
C PHE D 105 26.33 -4.01 -6.06
N LEU D 106 25.33 -3.37 -6.69
CA LEU D 106 25.33 -1.89 -6.80
C LEU D 106 23.89 -1.39 -6.84
N ASP D 107 23.65 -0.23 -6.26
CA ASP D 107 22.31 0.43 -6.32
C ASP D 107 22.57 1.91 -6.55
N LYS D 108 21.53 2.68 -6.87
CA LYS D 108 21.68 4.12 -7.11
C LYS D 108 22.25 4.77 -5.84
N SER D 109 21.85 4.29 -4.66
CA SER D 109 22.39 4.78 -3.37
C SER D 109 23.86 4.42 -3.18
N SER D 110 24.27 3.22 -3.56
CA SER D 110 25.66 2.74 -3.32
C SER D 110 26.73 3.46 -4.15
N LEU D 111 26.45 3.77 -5.41
CA LEU D 111 27.49 4.34 -6.30
C LEU D 111 28.04 5.68 -5.80
N PRO D 112 27.24 6.65 -5.31
CA PRO D 112 27.82 7.90 -4.88
C PRO D 112 28.83 7.67 -3.76
N GLY D 113 28.50 6.83 -2.79
CA GLY D 113 29.39 6.51 -1.66
C GLY D 113 30.66 5.81 -2.09
N SER D 114 30.55 4.89 -3.05
CA SER D 114 31.71 4.12 -3.52
C SER D 114 32.67 5.05 -4.26
N ILE D 115 32.14 5.96 -5.07
CA ILE D 115 32.94 6.97 -5.76
C ILE D 115 33.55 7.94 -4.76
N GLN D 116 32.78 8.31 -3.73
CA GLN D 116 33.28 9.23 -2.71
C GLN D 116 34.45 8.62 -1.93
N LYS D 117 34.34 7.32 -1.60
CA LYS D 117 35.43 6.65 -0.90
C LYS D 117 36.71 6.67 -1.73
N ASP D 118 36.59 6.36 -3.02
CA ASP D 118 37.79 6.35 -3.87
C ASP D 118 38.34 7.77 -4.06
N VAL D 119 37.47 8.76 -4.16
CA VAL D 119 37.91 10.15 -4.28
C VAL D 119 38.63 10.60 -3.01
N ALA D 120 38.17 10.13 -1.84
CA ALA D 120 38.85 10.47 -0.59
C ALA D 120 40.25 9.86 -0.57
N LYS D 121 40.40 8.63 -1.05
CA LYS D 121 41.74 8.05 -1.17
C LYS D 121 42.61 8.90 -2.10
N ILE D 122 42.02 9.35 -3.21
CA ILE D 122 42.75 10.19 -4.16
C ILE D 122 43.21 11.48 -3.48
N VAL D 123 42.33 12.11 -2.71
CA VAL D 123 42.66 13.38 -2.05
C VAL D 123 43.79 13.20 -1.06
N ALA D 124 43.73 12.13 -0.26
CA ALA D 124 44.81 11.89 0.71
C ALA D 124 46.14 11.71 0.00
N GLY D 125 46.17 10.89 -1.06
CA GLY D 125 47.39 10.74 -1.84
C GLY D 125 47.87 12.05 -2.42
N ALA D 126 46.92 12.89 -2.86
CA ALA D 126 47.25 14.19 -3.42
C ALA D 126 47.93 15.08 -2.38
N GLU D 127 47.46 15.04 -1.14
CA GLU D 127 48.06 15.90 -0.12
C GLU D 127 49.47 15.40 0.22
N GLN D 128 49.65 14.08 0.26
CA GLN D 128 50.97 13.50 0.36
C GLN D 128 51.90 14.00 -0.77
N ALA D 129 51.41 13.99 -2.01
CA ALA D 129 52.20 14.44 -3.15
C ALA D 129 52.51 15.93 -3.09
N ALA D 130 51.54 16.71 -2.62
CA ALA D 130 51.73 18.16 -2.51
C ALA D 130 52.83 18.48 -1.52
N LYS D 131 52.81 17.82 -0.36
CA LYS D 131 53.90 18.00 0.60
C LYS D 131 55.23 17.63 -0.03
N ALA D 132 55.25 16.53 -0.81
CA ALA D 132 56.49 16.13 -1.47
C ALA D 132 57.03 17.23 -2.38
N LYS D 133 56.18 17.76 -3.28
CA LYS D 133 56.66 18.76 -4.24
C LYS D 133 57.04 20.07 -3.55
N ALA D 134 56.29 20.46 -2.53
CA ALA D 134 56.64 21.65 -1.77
C ALA D 134 58.03 21.52 -1.17
N ALA D 135 58.30 20.38 -0.51
CA ALA D 135 59.62 20.18 0.08
C ALA D 135 60.69 20.11 -0.99
N MET D 136 60.35 19.61 -2.18
CA MET D 136 61.36 19.53 -3.23
C MET D 136 61.78 20.92 -3.70
N VAL D 137 60.82 21.79 -4.01
CA VAL D 137 61.23 23.15 -4.39
C VAL D 137 61.90 23.87 -3.22
N ALA D 138 61.51 23.56 -1.98
CA ALA D 138 62.06 24.25 -0.83
C ALA D 138 63.55 23.92 -0.64
N SER D 139 63.89 22.62 -0.61
CA SER D 139 65.29 22.25 -0.44
C SER D 139 66.12 22.65 -1.65
N ASP D 140 65.57 22.50 -2.85
CA ASP D 140 66.26 22.90 -4.07
C ASP D 140 66.43 24.42 -4.14
#